data_5ZQJ
#
_entry.id   5ZQJ
#
_cell.length_a   115.261
_cell.length_b   105.201
_cell.length_c   105.814
_cell.angle_alpha   90.00
_cell.angle_beta   122.71
_cell.angle_gamma   90.00
#
_symmetry.space_group_name_H-M   'C 1 2 1'
#
loop_
_entity.id
_entity.type
_entity.pdbx_description
1 polymer Beta-xylosidase
2 non-polymer GLYCEROL
3 water water
#
_entity_poly.entity_id   1
_entity_poly.type   'polypeptide(L)'
_entity_poly.pdbx_seq_one_letter_code
;MKITNPVLKGFNPDPSICRAGEDYYMAVSTFEWFPGVQIYHSKDLIHWRLAARPLQKTSQLDMKGNPDSGGVWAPCLSYA
DGQFWLIYSDIKVVDGPFKDGHNYLVTADAVDGEWSDPVRLNSSGFDPSLFHDPSGKKYVLNMLWDHREKHHSFAGIALQ
EYSVSEKKLVGERKVIFKGTPIKLTEAPHLYYINDVYYLLTAEGGTRYEHAATIARSSRIDGPYEVHPDNPILTAFHAPS
HPLQKCGHASIVQTHTNEWYLAHLTGRPIHSSKESIFQQRGWCPLGRETAIQKLEWKDGWPYVVGGKEGLLEVEAPAMSV
KEFSPTYHIVDEFKDSSLNRHFQTLRIPFTDQIGSVTENPHHLRLYGQESLTSKFTQAFVARRWQSFYFEAETAVSFFPK
NFQQAAGLVNYYNTENWTALQVTYDDALGRILELSVCENLAFSQPLIKKIIIPDEIPYVYLKVTVQRETYTYSYSFDQQE
WEKIDVPLESTHLSDDFIRGGGFFTGAFVGMQCQDTSGERLPADFKYFRYEETTEHHHHHH
;
_entity_poly.pdbx_strand_id   A,B
#
loop_
_chem_comp.id
_chem_comp.type
_chem_comp.name
_chem_comp.formula
GOL non-polymer GLYCEROL 'C3 H8 O3'
#
# COMPACT_ATOMS: atom_id res chain seq x y z
N MET A 1 -35.47 -21.13 24.50
CA MET A 1 -34.65 -20.95 23.31
C MET A 1 -33.15 -21.04 23.63
N LYS A 2 -32.38 -21.65 22.72
CA LYS A 2 -30.94 -21.73 22.83
C LYS A 2 -30.27 -20.69 21.92
N ILE A 3 -28.99 -20.46 22.21
CA ILE A 3 -28.11 -19.69 21.33
C ILE A 3 -27.71 -20.57 20.14
N THR A 4 -27.98 -20.11 18.92
CA THR A 4 -27.57 -20.82 17.71
C THR A 4 -26.32 -20.15 17.13
N ASN A 5 -25.25 -20.94 16.96
CA ASN A 5 -23.98 -20.40 16.49
C ASN A 5 -23.77 -20.67 15.01
N PRO A 6 -23.08 -19.78 14.29
CA PRO A 6 -22.56 -18.49 14.79
C PRO A 6 -23.66 -17.48 15.03
N VAL A 7 -23.49 -16.65 16.06
CA VAL A 7 -24.48 -15.59 16.29
C VAL A 7 -24.25 -14.39 15.38
N LEU A 8 -23.02 -14.14 14.94
CA LEU A 8 -22.75 -13.11 13.94
C LEU A 8 -22.20 -13.85 12.73
N LYS A 9 -22.96 -13.87 11.66
CA LYS A 9 -22.61 -14.67 10.49
C LYS A 9 -21.85 -13.84 9.47
N GLY A 10 -21.05 -14.52 8.64
CA GLY A 10 -20.17 -13.79 7.76
C GLY A 10 -19.09 -13.09 8.57
N PHE A 11 -18.32 -12.28 7.86
CA PHE A 11 -17.10 -11.65 8.36
C PHE A 11 -17.37 -10.81 9.61
N ASN A 12 -17.04 -11.39 10.78
CA ASN A 12 -17.24 -10.78 12.09
C ASN A 12 -16.26 -11.38 13.09
N PRO A 13 -14.97 -11.06 12.99
CA PRO A 13 -13.96 -11.74 13.79
C PRO A 13 -13.67 -11.01 15.11
N ASP A 14 -12.85 -11.67 15.93
CA ASP A 14 -12.28 -11.09 17.14
C ASP A 14 -13.32 -10.46 18.07
N PRO A 15 -14.33 -11.22 18.50
CA PRO A 15 -15.41 -10.62 19.31
C PRO A 15 -14.90 -10.17 20.67
N SER A 16 -15.20 -8.92 21.01
CA SER A 16 -14.96 -8.38 22.33
C SER A 16 -16.32 -8.12 22.97
N ILE A 17 -16.72 -8.97 23.93
CA ILE A 17 -18.06 -8.90 24.52
C ILE A 17 -17.98 -8.11 25.83
N CYS A 18 -19.01 -7.31 26.10
CA CYS A 18 -19.05 -6.62 27.38
C CYS A 18 -20.49 -6.34 27.78
N ARG A 19 -20.67 -6.02 29.06
CA ARG A 19 -21.99 -5.79 29.63
C ARG A 19 -22.08 -4.36 30.14
N ALA A 20 -23.24 -3.74 29.91
CA ALA A 20 -23.59 -2.47 30.53
C ALA A 20 -24.98 -2.68 31.10
N GLY A 21 -25.07 -2.94 32.40
CA GLY A 21 -26.39 -3.16 32.99
C GLY A 21 -26.95 -4.46 32.46
N GLU A 22 -28.11 -4.40 31.82
CA GLU A 22 -28.71 -5.58 31.23
C GLU A 22 -28.58 -5.58 29.71
N ASP A 23 -27.73 -4.71 29.18
CA ASP A 23 -27.43 -4.65 27.75
C ASP A 23 -26.09 -5.32 27.49
N TYR A 24 -26.02 -6.08 26.40
CA TYR A 24 -24.80 -6.79 26.03
C TYR A 24 -24.34 -6.30 24.66
N TYR A 25 -23.04 -6.07 24.53
CA TYR A 25 -22.46 -5.59 23.29
C TYR A 25 -21.29 -6.47 22.88
N MET A 26 -21.06 -6.56 21.56
CA MET A 26 -19.85 -7.19 21.03
C MET A 26 -19.28 -6.33 19.93
N ALA A 27 -17.98 -6.03 20.03
CA ALA A 27 -17.24 -5.34 18.97
C ALA A 27 -16.46 -6.35 18.17
N VAL A 28 -16.44 -6.19 16.85
CA VAL A 28 -15.68 -7.08 15.98
C VAL A 28 -14.78 -6.24 15.07
N SER A 29 -13.74 -6.90 14.54
CA SER A 29 -12.76 -6.23 13.68
C SER A 29 -13.32 -6.05 12.26
N THR A 30 -12.78 -5.05 11.55
CA THR A 30 -13.27 -4.67 10.23
C THR A 30 -12.17 -4.47 9.19
N PHE A 31 -10.91 -4.40 9.61
CA PHE A 31 -9.73 -4.38 8.74
C PHE A 31 -9.87 -3.19 7.79
N GLU A 32 -9.77 -3.37 6.47
CA GLU A 32 -9.76 -2.22 5.59
C GLU A 32 -11.15 -1.64 5.35
N TRP A 33 -12.20 -2.28 5.83
CA TRP A 33 -13.56 -1.81 5.52
C TRP A 33 -13.99 -0.68 6.45
N PHE A 34 -14.65 0.34 5.86
CA PHE A 34 -14.99 1.64 6.45
C PHE A 34 -16.50 1.89 6.45
N PRO A 35 -17.07 2.45 7.53
CA PRO A 35 -16.45 2.88 8.80
C PRO A 35 -15.95 1.71 9.64
N GLY A 36 -15.08 1.96 10.61
CA GLY A 36 -14.37 0.91 11.30
C GLY A 36 -15.02 0.47 12.60
N VAL A 37 -14.81 -0.80 12.93
CA VAL A 37 -15.38 -1.54 14.04
C VAL A 37 -16.89 -1.65 13.89
N GLN A 38 -17.42 -2.85 14.09
CA GLN A 38 -18.85 -3.03 14.19
C GLN A 38 -19.18 -3.42 15.62
N ILE A 39 -20.20 -2.77 16.19
CA ILE A 39 -20.69 -3.10 17.52
C ILE A 39 -22.10 -3.65 17.37
N TYR A 40 -22.32 -4.82 17.94
CA TYR A 40 -23.62 -5.46 17.98
C TYR A 40 -24.18 -5.41 19.40
N HIS A 41 -25.50 -5.52 19.50
CA HIS A 41 -26.20 -5.40 20.78
C HIS A 41 -27.19 -6.54 20.94
N SER A 42 -27.34 -6.99 22.19
CA SER A 42 -28.25 -8.08 22.50
C SER A 42 -28.81 -7.90 23.91
N LYS A 43 -30.05 -8.36 24.09
CA LYS A 43 -30.67 -8.43 25.41
C LYS A 43 -30.74 -9.83 25.98
N ASP A 44 -30.39 -10.86 25.19
CA ASP A 44 -30.53 -12.25 25.62
C ASP A 44 -29.38 -13.15 25.17
N LEU A 45 -28.37 -12.62 24.48
CA LEU A 45 -27.23 -13.35 23.91
C LEU A 45 -27.61 -14.30 22.77
N ILE A 46 -28.91 -14.45 22.52
CA ILE A 46 -29.37 -15.23 21.38
C ILE A 46 -29.44 -14.38 20.13
N HIS A 47 -30.15 -13.25 20.23
CA HIS A 47 -30.40 -12.36 19.10
C HIS A 47 -29.50 -11.13 19.20
N TRP A 48 -28.90 -10.76 18.07
CA TRP A 48 -27.94 -9.66 17.98
C TRP A 48 -28.34 -8.74 16.83
N ARG A 49 -28.25 -7.44 17.08
CA ARG A 49 -28.51 -6.43 16.07
C ARG A 49 -27.24 -5.63 15.84
N LEU A 50 -27.01 -5.24 14.60
CA LEU A 50 -25.90 -4.33 14.28
C LEU A 50 -26.27 -2.92 14.75
N ALA A 51 -25.52 -2.40 15.73
CA ALA A 51 -25.91 -1.21 16.44
C ALA A 51 -25.10 0.03 16.08
N ALA A 52 -23.83 -0.12 15.73
CA ALA A 52 -22.98 1.06 15.56
C ALA A 52 -21.69 0.67 14.84
N ARG A 53 -21.13 1.64 14.13
CA ARG A 53 -19.79 1.54 13.54
C ARG A 53 -19.04 2.78 13.96
N PRO A 54 -18.27 2.71 15.05
CA PRO A 54 -17.82 3.94 15.73
C PRO A 54 -16.84 4.79 14.94
N LEU A 55 -15.95 4.18 14.15
CA LEU A 55 -14.82 4.93 13.59
C LEU A 55 -15.23 5.51 12.24
N GLN A 56 -15.78 6.73 12.27
CA GLN A 56 -16.44 7.32 11.12
C GLN A 56 -15.66 8.42 10.43
N LYS A 57 -14.64 8.96 11.08
CA LYS A 57 -13.91 10.12 10.57
C LYS A 57 -12.47 9.74 10.29
N THR A 58 -11.89 10.35 9.24
CA THR A 58 -10.48 10.15 8.96
C THR A 58 -9.62 10.56 10.15
N SER A 59 -10.10 11.50 10.98
CA SER A 59 -9.39 11.86 12.20
C SER A 59 -9.29 10.68 13.17
N GLN A 60 -10.25 9.76 13.14
CA GLN A 60 -10.15 8.55 13.93
C GLN A 60 -9.46 7.41 13.19
N LEU A 61 -9.64 7.32 11.88
CA LEU A 61 -9.17 6.17 11.14
C LEU A 61 -8.90 6.60 9.71
N ASP A 62 -7.64 6.61 9.31
CA ASP A 62 -7.23 7.03 7.97
C ASP A 62 -6.50 5.85 7.34
N MET A 63 -7.19 5.11 6.46
CA MET A 63 -6.71 3.83 5.96
C MET A 63 -6.39 3.85 4.47
N LYS A 64 -6.41 5.02 3.83
CA LYS A 64 -6.08 5.08 2.42
C LYS A 64 -4.70 4.48 2.19
N GLY A 65 -4.61 3.55 1.23
CA GLY A 65 -3.38 2.83 0.97
C GLY A 65 -3.10 1.62 1.85
N ASN A 66 -3.92 1.37 2.88
CA ASN A 66 -3.62 0.27 3.80
C ASN A 66 -3.55 -1.05 3.03
N PRO A 67 -2.66 -1.96 3.41
CA PRO A 67 -2.63 -3.27 2.76
C PRO A 67 -3.95 -3.99 2.99
N ASP A 68 -4.21 -4.97 2.13
CA ASP A 68 -5.34 -5.85 2.35
C ASP A 68 -5.17 -6.52 3.71
N SER A 69 -6.24 -6.50 4.50
CA SER A 69 -6.28 -7.07 5.85
C SER A 69 -5.31 -6.38 6.81
N GLY A 70 -4.91 -5.14 6.50
CA GLY A 70 -4.41 -4.22 7.51
C GLY A 70 -5.56 -3.49 8.19
N GLY A 71 -5.29 -2.31 8.70
CA GLY A 71 -6.36 -1.51 9.28
C GLY A 71 -6.76 -2.02 10.64
N VAL A 72 -8.07 -2.13 10.86
CA VAL A 72 -8.63 -2.37 12.19
C VAL A 72 -8.59 -3.86 12.48
N TRP A 73 -7.56 -4.28 13.20
CA TRP A 73 -7.48 -5.65 13.69
C TRP A 73 -8.41 -5.81 14.92
N ALA A 74 -8.18 -6.81 15.76
CA ALA A 74 -9.08 -7.07 16.89
C ALA A 74 -9.29 -5.81 17.72
N PRO A 75 -10.53 -5.47 18.10
CA PRO A 75 -10.75 -4.34 19.00
C PRO A 75 -11.12 -4.79 20.42
N CYS A 76 -11.14 -3.86 21.36
CA CYS A 76 -11.55 -4.16 22.73
C CYS A 76 -12.57 -3.12 23.16
N LEU A 77 -13.78 -3.57 23.47
CA LEU A 77 -14.87 -2.72 23.91
C LEU A 77 -15.14 -3.02 25.38
N SER A 78 -15.23 -1.97 26.20
CA SER A 78 -15.53 -2.15 27.61
C SER A 78 -16.44 -1.03 28.10
N TYR A 79 -17.11 -1.29 29.22
CA TYR A 79 -17.96 -0.30 29.86
C TYR A 79 -17.52 -0.12 31.31
N ALA A 80 -17.20 1.12 31.68
CA ALA A 80 -16.81 1.40 33.06
C ALA A 80 -16.90 2.90 33.30
N ASP A 81 -17.14 3.27 34.55
CA ASP A 81 -17.18 4.67 34.96
C ASP A 81 -18.15 5.45 34.08
N GLY A 82 -19.28 4.82 33.76
CA GLY A 82 -20.34 5.51 33.06
C GLY A 82 -20.11 5.73 31.59
N GLN A 83 -19.09 5.12 30.99
CA GLN A 83 -18.89 5.31 29.55
C GLN A 83 -18.34 4.05 28.91
N PHE A 84 -18.41 4.04 27.58
CA PHE A 84 -17.80 2.97 26.79
C PHE A 84 -16.40 3.36 26.38
N TRP A 85 -15.52 2.37 26.36
CA TRP A 85 -14.12 2.55 25.99
C TRP A 85 -13.81 1.58 24.86
N LEU A 86 -13.24 2.10 23.78
CA LEU A 86 -12.92 1.29 22.61
C LEU A 86 -11.45 1.43 22.31
N ILE A 87 -10.74 0.31 22.36
CA ILE A 87 -9.33 0.24 22.00
C ILE A 87 -9.25 -0.40 20.63
N TYR A 88 -8.58 0.26 19.69
CA TYR A 88 -8.47 -0.28 18.36
C TYR A 88 -7.07 -0.04 17.80
N SER A 89 -6.80 -0.68 16.67
CA SER A 89 -5.50 -0.65 16.01
C SER A 89 -5.67 -0.16 14.58
N ASP A 90 -4.60 0.42 14.05
CA ASP A 90 -4.47 0.67 12.61
C ASP A 90 -3.16 0.01 12.17
N ILE A 91 -3.26 -1.15 11.53
CA ILE A 91 -2.09 -1.92 11.13
C ILE A 91 -1.68 -1.54 9.71
N LYS A 92 -0.41 -1.10 9.56
CA LYS A 92 0.13 -0.62 8.28
C LYS A 92 0.93 -1.68 7.53
N VAL A 93 1.45 -2.70 8.22
CA VAL A 93 2.33 -3.70 7.63
C VAL A 93 1.85 -5.07 8.09
N VAL A 94 1.53 -5.96 7.15
CA VAL A 94 0.96 -7.27 7.49
C VAL A 94 1.78 -8.43 6.96
N ASP A 95 2.91 -8.17 6.32
CA ASP A 95 3.77 -9.28 5.90
C ASP A 95 5.22 -8.89 6.15
N GLY A 96 6.07 -9.91 6.34
CA GLY A 96 7.47 -9.68 6.55
C GLY A 96 7.84 -9.70 8.02
N PRO A 97 9.05 -9.23 8.36
CA PRO A 97 9.52 -9.32 9.74
C PRO A 97 8.83 -8.37 10.70
N PHE A 98 8.31 -7.25 10.22
CA PHE A 98 7.66 -6.28 11.09
C PHE A 98 6.14 -6.36 10.96
N LYS A 99 5.47 -5.68 11.89
CA LYS A 99 4.01 -5.58 11.87
C LYS A 99 3.61 -4.16 12.30
N ASP A 100 4.16 -3.17 11.61
CA ASP A 100 3.96 -1.77 11.98
C ASP A 100 2.49 -1.44 12.10
N GLY A 101 2.11 -0.92 13.26
CA GLY A 101 0.72 -0.58 13.53
C GLY A 101 0.61 0.13 14.85
N HIS A 102 -0.47 0.85 15.02
CA HIS A 102 -0.61 1.74 16.16
C HIS A 102 -1.93 1.49 16.88
N ASN A 103 -1.92 1.65 18.21
CA ASN A 103 -3.08 1.40 19.03
C ASN A 103 -3.62 2.70 19.60
N TYR A 104 -4.95 2.79 19.70
CA TYR A 104 -5.64 4.03 20.04
C TYR A 104 -6.82 3.75 20.96
N LEU A 105 -7.23 4.78 21.69
CA LEU A 105 -8.36 4.72 22.61
C LEU A 105 -9.34 5.82 22.28
N VAL A 106 -10.63 5.47 22.17
CA VAL A 106 -11.69 6.46 22.03
C VAL A 106 -12.79 6.08 23.01
N THR A 107 -13.65 7.05 23.33
CA THR A 107 -14.71 6.87 24.32
C THR A 107 -16.02 7.44 23.80
N ALA A 108 -17.12 6.96 24.38
CA ALA A 108 -18.45 7.46 24.06
C ALA A 108 -19.41 7.13 25.20
N ASP A 109 -20.43 7.97 25.37
CA ASP A 109 -21.47 7.67 26.35
C ASP A 109 -22.42 6.56 25.88
N ALA A 110 -22.61 6.43 24.56
CA ALA A 110 -23.44 5.37 23.98
C ALA A 110 -22.72 4.83 22.75
N VAL A 111 -22.93 3.54 22.46
CA VAL A 111 -22.13 2.91 21.40
C VAL A 111 -22.45 3.51 20.05
N ASP A 112 -23.68 4.01 19.87
CA ASP A 112 -24.04 4.67 18.63
C ASP A 112 -23.97 6.19 18.72
N GLY A 113 -23.31 6.71 19.76
CA GLY A 113 -23.10 8.14 19.90
C GLY A 113 -21.87 8.59 19.13
N GLU A 114 -21.52 9.85 19.36
CA GLU A 114 -20.29 10.41 18.81
C GLU A 114 -19.11 9.92 19.63
N TRP A 115 -18.14 9.28 18.98
CA TRP A 115 -16.96 8.84 19.69
C TRP A 115 -15.89 9.92 19.65
N SER A 116 -15.08 9.95 20.70
CA SER A 116 -14.03 10.96 20.84
C SER A 116 -12.98 10.83 19.72
N ASP A 117 -12.12 11.85 19.63
CA ASP A 117 -10.89 11.71 18.87
C ASP A 117 -9.93 10.80 19.63
N PRO A 118 -9.05 10.09 18.92
CA PRO A 118 -8.27 9.03 19.56
C PRO A 118 -7.14 9.55 20.42
N VAL A 119 -6.89 8.83 21.52
CA VAL A 119 -5.66 8.98 22.29
C VAL A 119 -4.68 7.90 21.82
N ARG A 120 -3.43 8.29 21.59
CA ARG A 120 -2.38 7.36 21.21
C ARG A 120 -1.94 6.53 22.41
N LEU A 121 -1.93 5.20 22.27
CA LEU A 121 -1.46 4.36 23.35
C LEU A 121 -0.03 3.91 23.11
N ASN A 122 0.16 2.95 22.21
CA ASN A 122 1.50 2.45 21.89
C ASN A 122 1.44 1.82 20.51
N SER A 123 2.56 1.21 20.09
CA SER A 123 2.68 0.58 18.78
C SER A 123 3.34 -0.79 18.86
N SER A 124 3.44 -1.37 20.06
CA SER A 124 4.35 -2.47 20.34
C SER A 124 3.81 -3.83 19.94
N GLY A 125 2.56 -3.90 19.50
CA GLY A 125 1.94 -5.16 19.13
C GLY A 125 0.45 -5.01 19.11
N PHE A 126 -0.21 -5.89 18.37
CA PHE A 126 -1.64 -5.78 18.11
C PHE A 126 -2.43 -6.40 19.26
N ASP A 127 -3.76 -6.50 19.09
CA ASP A 127 -4.70 -6.96 20.10
C ASP A 127 -4.63 -6.14 21.40
N PRO A 128 -4.69 -4.81 21.35
CA PRO A 128 -4.69 -4.04 22.59
C PRO A 128 -6.02 -4.20 23.33
N SER A 129 -5.95 -4.11 24.65
CA SER A 129 -7.10 -4.35 25.49
C SER A 129 -6.99 -3.48 26.74
N LEU A 130 -8.12 -2.96 27.20
CA LEU A 130 -8.17 -2.06 28.34
C LEU A 130 -8.80 -2.81 29.51
N PHE A 131 -8.07 -2.93 30.62
CA PHE A 131 -8.53 -3.61 31.81
C PHE A 131 -8.84 -2.60 32.91
N HIS A 132 -10.01 -2.71 33.53
CA HIS A 132 -10.42 -1.80 34.60
C HIS A 132 -10.19 -2.49 35.93
N ASP A 133 -9.06 -2.16 36.57
CA ASP A 133 -8.65 -2.84 37.80
C ASP A 133 -9.54 -2.39 38.97
N PRO A 134 -9.80 -3.28 39.92
CA PRO A 134 -10.62 -2.88 41.09
C PRO A 134 -10.01 -1.75 41.89
N SER A 135 -8.70 -1.50 41.78
CA SER A 135 -8.10 -0.32 42.40
C SER A 135 -8.52 0.99 41.76
N GLY A 136 -9.29 0.94 40.67
CA GLY A 136 -9.56 2.13 39.90
C GLY A 136 -8.51 2.49 38.88
N LYS A 137 -7.34 1.86 38.93
CA LYS A 137 -6.37 2.09 37.87
C LYS A 137 -6.79 1.36 36.61
N LYS A 138 -6.30 1.86 35.47
CA LYS A 138 -6.52 1.26 34.16
C LYS A 138 -5.22 0.71 33.61
N TYR A 139 -5.29 -0.42 32.91
CA TYR A 139 -4.13 -1.03 32.28
C TYR A 139 -4.41 -1.39 30.83
N VAL A 140 -3.42 -1.19 29.96
CA VAL A 140 -3.48 -1.63 28.58
C VAL A 140 -2.63 -2.89 28.43
N LEU A 141 -3.23 -3.93 27.86
CA LEU A 141 -2.54 -5.15 27.48
C LEU A 141 -2.42 -5.21 25.98
N ASN A 142 -1.34 -5.80 25.49
CA ASN A 142 -1.25 -6.11 24.07
C ASN A 142 -0.19 -7.17 23.88
N MET A 143 -0.22 -7.84 22.74
CA MET A 143 0.90 -8.72 22.47
C MET A 143 2.12 -7.88 22.11
N LEU A 144 3.29 -8.46 22.27
CA LEU A 144 4.55 -7.82 21.94
C LEU A 144 5.10 -8.46 20.67
N TRP A 145 5.31 -7.66 19.63
CA TRP A 145 5.80 -8.22 18.36
C TRP A 145 7.32 -8.11 18.29
N ASP A 146 7.99 -9.25 18.10
CA ASP A 146 9.44 -9.35 18.06
C ASP A 146 9.84 -9.66 16.62
N HIS A 147 10.45 -8.70 15.95
CA HIS A 147 10.89 -8.84 14.57
C HIS A 147 12.21 -9.59 14.43
N ARG A 148 12.93 -9.82 15.52
CA ARG A 148 14.32 -10.25 15.42
C ARG A 148 14.38 -11.67 14.85
N GLU A 149 15.39 -11.92 14.02
CA GLU A 149 15.43 -13.16 13.24
C GLU A 149 15.34 -14.40 14.14
N LYS A 150 16.04 -14.40 15.26
CA LYS A 150 16.18 -15.62 16.03
C LYS A 150 15.09 -15.83 17.08
N HIS A 151 14.10 -14.94 17.18
CA HIS A 151 13.04 -15.06 18.18
C HIS A 151 11.69 -15.33 17.51
N HIS A 152 10.87 -16.15 18.16
CA HIS A 152 9.46 -16.23 17.84
C HIS A 152 8.84 -14.83 17.89
N SER A 153 8.05 -14.48 16.87
CA SER A 153 7.55 -13.11 16.77
C SER A 153 6.55 -12.76 17.86
N PHE A 154 5.90 -13.74 18.48
CA PHE A 154 4.91 -13.46 19.52
C PHE A 154 5.63 -13.61 20.87
N ALA A 155 6.16 -12.48 21.36
CA ALA A 155 7.06 -12.47 22.50
C ALA A 155 6.34 -12.36 23.84
N GLY A 156 5.04 -12.56 23.90
CA GLY A 156 4.33 -12.55 25.15
C GLY A 156 3.35 -11.39 25.25
N ILE A 157 2.79 -11.24 26.45
CA ILE A 157 1.77 -10.25 26.73
C ILE A 157 2.38 -9.12 27.54
N ALA A 158 2.29 -7.90 27.02
CA ALA A 158 2.73 -6.72 27.74
C ALA A 158 1.59 -6.11 28.54
N LEU A 159 1.94 -5.52 29.67
CA LEU A 159 1.00 -4.82 30.55
C LEU A 159 1.59 -3.46 30.91
N GLN A 160 0.78 -2.40 30.82
CA GLN A 160 1.27 -1.10 31.27
C GLN A 160 0.09 -0.25 31.73
N GLU A 161 0.30 0.50 32.81
CA GLU A 161 -0.76 1.35 33.32
C GLU A 161 -1.08 2.48 32.33
N TYR A 162 -2.36 2.76 32.16
CA TYR A 162 -2.84 3.93 31.41
C TYR A 162 -3.38 4.97 32.39
N SER A 163 -2.93 6.22 32.23
CA SER A 163 -3.40 7.30 33.10
C SER A 163 -4.56 8.03 32.42
N VAL A 164 -5.76 7.92 33.00
CA VAL A 164 -6.92 8.61 32.45
C VAL A 164 -6.68 10.11 32.38
N SER A 165 -6.16 10.68 33.47
CA SER A 165 -6.03 12.14 33.54
C SER A 165 -4.93 12.66 32.61
N GLU A 166 -3.85 11.91 32.44
CA GLU A 166 -2.76 12.33 31.58
C GLU A 166 -2.94 11.90 30.12
N LYS A 167 -3.90 11.02 29.85
CA LYS A 167 -4.19 10.54 28.50
C LYS A 167 -2.98 9.86 27.87
N LYS A 168 -2.30 9.02 28.64
CA LYS A 168 -1.10 8.35 28.14
C LYS A 168 -0.76 7.17 29.05
N LEU A 169 -0.04 6.21 28.47
CA LEU A 169 0.54 5.16 29.29
C LEU A 169 1.64 5.75 30.18
N VAL A 170 1.79 5.19 31.37
CA VAL A 170 2.70 5.70 32.38
C VAL A 170 3.50 4.53 32.94
N GLY A 171 4.57 4.86 33.67
CA GLY A 171 5.39 3.79 34.21
C GLY A 171 6.10 3.04 33.10
N GLU A 172 6.39 1.77 33.36
CA GLU A 172 7.06 0.93 32.38
C GLU A 172 6.24 -0.33 32.16
N ARG A 173 6.34 -0.87 30.95
CA ARG A 173 5.59 -2.06 30.60
C ARG A 173 6.25 -3.29 31.20
N LYS A 174 5.45 -4.30 31.49
CA LYS A 174 5.96 -5.59 31.96
C LYS A 174 5.42 -6.69 31.07
N VAL A 175 6.28 -7.66 30.76
CA VAL A 175 5.82 -8.88 30.10
C VAL A 175 5.30 -9.80 31.20
N ILE A 176 4.01 -10.08 31.19
CA ILE A 176 3.39 -10.81 32.31
C ILE A 176 3.12 -12.26 32.00
N PHE A 177 3.24 -12.69 30.74
CA PHE A 177 2.88 -14.04 30.34
C PHE A 177 3.55 -14.33 29.01
N LYS A 178 4.11 -15.53 28.89
CA LYS A 178 4.82 -15.93 27.69
C LYS A 178 4.07 -16.95 26.85
N GLY A 179 2.98 -17.50 27.36
CA GLY A 179 2.20 -18.45 26.61
C GLY A 179 2.56 -19.88 26.93
N THR A 180 2.06 -20.78 26.08
CA THR A 180 2.27 -22.22 26.18
C THR A 180 2.96 -22.69 24.90
N PRO A 181 3.27 -23.98 24.75
CA PRO A 181 3.87 -24.45 23.49
C PRO A 181 3.01 -24.21 22.25
N ILE A 182 1.72 -23.91 22.39
CA ILE A 182 0.94 -23.58 21.19
C ILE A 182 1.48 -22.32 20.55
N LYS A 183 2.00 -21.40 21.36
CA LYS A 183 2.62 -20.14 20.91
C LYS A 183 1.69 -19.26 20.08
N LEU A 184 2.26 -18.30 19.35
CA LEU A 184 1.49 -17.21 18.74
C LEU A 184 0.51 -16.61 19.75
N THR A 185 1.01 -16.37 20.96
CA THR A 185 0.17 -15.89 22.05
C THR A 185 -0.29 -14.46 21.78
N GLU A 186 -1.60 -14.24 21.77
CA GLU A 186 -2.12 -12.91 21.48
C GLU A 186 -3.47 -12.77 22.17
N ALA A 187 -4.24 -11.75 21.78
CA ALA A 187 -5.59 -11.51 22.30
C ALA A 187 -5.68 -11.49 23.82
N PRO A 188 -4.80 -10.76 24.52
CA PRO A 188 -4.86 -10.77 25.99
C PRO A 188 -6.07 -10.01 26.51
N HIS A 189 -6.80 -10.63 27.45
CA HIS A 189 -7.87 -9.99 28.21
C HIS A 189 -7.74 -10.40 29.67
N LEU A 190 -7.81 -9.42 30.57
CA LEU A 190 -7.73 -9.67 32.00
C LEU A 190 -9.13 -9.61 32.62
N TYR A 191 -9.37 -10.48 33.60
CA TYR A 191 -10.59 -10.48 34.39
C TYR A 191 -10.21 -10.70 35.83
N TYR A 192 -10.89 -10.00 36.72
CA TYR A 192 -10.67 -10.13 38.15
C TYR A 192 -11.89 -10.81 38.72
N ILE A 193 -11.72 -12.05 39.18
CA ILE A 193 -12.82 -12.93 39.56
C ILE A 193 -12.44 -13.63 40.87
N ASN A 194 -13.21 -13.38 41.93
CA ASN A 194 -12.97 -14.00 43.22
C ASN A 194 -11.54 -13.75 43.69
N ASP A 195 -11.13 -12.49 43.61
CA ASP A 195 -9.82 -12.02 44.05
C ASP A 195 -8.67 -12.66 43.30
N VAL A 196 -8.92 -13.17 42.10
CA VAL A 196 -7.90 -13.79 41.26
C VAL A 196 -7.90 -13.10 39.90
N TYR A 197 -6.72 -12.85 39.36
CA TYR A 197 -6.60 -12.35 37.99
C TYR A 197 -6.61 -13.52 37.04
N TYR A 198 -7.52 -13.49 36.07
CA TYR A 198 -7.55 -14.47 35.00
C TYR A 198 -7.13 -13.77 33.71
N LEU A 199 -6.11 -14.30 33.04
CA LEU A 199 -5.64 -13.79 31.76
C LEU A 199 -6.00 -14.77 30.67
N LEU A 200 -6.86 -14.34 29.76
CA LEU A 200 -7.28 -15.11 28.61
C LEU A 200 -6.44 -14.69 27.40
N THR A 201 -5.99 -15.66 26.62
CA THR A 201 -5.22 -15.35 25.40
C THR A 201 -5.67 -16.26 24.27
N ALA A 202 -5.32 -15.87 23.05
CA ALA A 202 -5.42 -16.73 21.88
C ALA A 202 -4.04 -17.29 21.58
N GLU A 203 -3.99 -18.54 21.13
CA GLU A 203 -2.74 -19.15 20.74
C GLU A 203 -2.95 -19.95 19.48
N GLY A 204 -1.86 -20.16 18.74
CA GLY A 204 -1.85 -21.07 17.62
C GLY A 204 -2.15 -20.44 16.28
N GLY A 205 -2.39 -19.13 16.24
CA GLY A 205 -2.73 -18.44 15.02
C GLY A 205 -4.17 -18.68 14.63
N THR A 206 -4.68 -17.82 13.75
CA THR A 206 -6.10 -17.80 13.47
C THR A 206 -6.48 -18.72 12.32
N ARG A 207 -5.65 -19.70 11.99
CA ARG A 207 -6.05 -20.77 11.10
C ARG A 207 -6.48 -21.95 11.94
N TYR A 208 -6.15 -23.18 11.52
CA TYR A 208 -6.80 -24.32 12.14
C TYR A 208 -6.14 -24.79 13.42
N GLU A 209 -5.04 -24.17 13.86
CA GLU A 209 -4.45 -24.46 15.16
C GLU A 209 -4.93 -23.50 16.26
N HIS A 210 -5.85 -22.60 15.94
CA HIS A 210 -6.36 -21.60 16.89
C HIS A 210 -6.87 -22.24 18.17
N ALA A 211 -6.57 -21.59 19.29
CA ALA A 211 -7.03 -22.02 20.60
C ALA A 211 -7.23 -20.79 21.48
N ALA A 212 -8.03 -20.95 22.53
CA ALA A 212 -8.10 -19.98 23.62
C ALA A 212 -7.47 -20.62 24.85
N THR A 213 -6.47 -19.97 25.42
CA THR A 213 -5.90 -20.45 26.67
C THR A 213 -6.19 -19.46 27.79
N ILE A 214 -6.19 -19.99 29.00
CA ILE A 214 -6.47 -19.15 30.17
C ILE A 214 -5.51 -19.55 31.27
N ALA A 215 -5.14 -18.56 32.07
CA ALA A 215 -4.19 -18.71 33.16
C ALA A 215 -4.63 -17.76 34.26
N ARG A 216 -4.17 -18.02 35.48
CA ARG A 216 -4.63 -17.23 36.62
C ARG A 216 -3.46 -16.92 37.53
N SER A 217 -3.62 -15.84 38.29
CA SER A 217 -2.60 -15.36 39.23
C SER A 217 -3.29 -14.52 40.30
N SER A 218 -2.71 -14.52 41.49
CA SER A 218 -3.22 -13.62 42.51
C SER A 218 -2.70 -12.19 42.34
N ARG A 219 -1.67 -11.98 41.54
CA ARG A 219 -1.11 -10.66 41.27
C ARG A 219 -1.27 -10.34 39.79
N ILE A 220 -1.50 -9.06 39.47
CA ILE A 220 -1.82 -8.68 38.09
C ILE A 220 -0.66 -8.98 37.16
N ASP A 221 0.57 -8.87 37.65
CA ASP A 221 1.74 -9.07 36.80
C ASP A 221 2.34 -10.47 36.93
N GLY A 222 1.57 -11.44 37.41
CA GLY A 222 1.97 -12.82 37.38
C GLY A 222 2.90 -13.20 38.51
N PRO A 223 3.58 -14.36 38.41
CA PRO A 223 3.49 -15.31 37.29
C PRO A 223 2.12 -15.99 37.21
N TYR A 224 1.67 -16.30 36.00
CA TYR A 224 0.37 -16.91 35.79
C TYR A 224 0.51 -18.43 35.69
N GLU A 225 -0.46 -19.14 36.28
CA GLU A 225 -0.53 -20.59 36.22
C GLU A 225 -1.53 -20.99 35.14
N VAL A 226 -1.15 -21.92 34.26
CA VAL A 226 -1.98 -22.26 33.12
C VAL A 226 -3.08 -23.24 33.54
N HIS A 227 -4.23 -23.12 32.88
CA HIS A 227 -5.35 -24.02 33.09
C HIS A 227 -4.91 -25.49 32.98
N PRO A 228 -5.36 -26.37 33.88
CA PRO A 228 -4.87 -27.75 33.85
C PRO A 228 -5.35 -28.55 32.66
N ASP A 229 -6.43 -28.16 32.02
CA ASP A 229 -6.94 -28.81 30.82
C ASP A 229 -6.84 -27.87 29.61
N ASN A 230 -5.77 -27.07 29.57
CA ASN A 230 -5.58 -26.07 28.53
C ASN A 230 -5.36 -26.74 27.17
N PRO A 231 -5.83 -26.11 26.08
CA PRO A 231 -6.64 -24.89 26.03
C PRO A 231 -8.11 -25.18 26.35
N ILE A 232 -8.84 -24.14 26.80
CA ILE A 232 -10.26 -24.34 27.09
C ILE A 232 -11.12 -24.36 25.83
N LEU A 233 -10.61 -23.84 24.73
CA LEU A 233 -11.35 -23.82 23.47
C LEU A 233 -10.39 -24.12 22.33
N THR A 234 -10.73 -25.10 21.50
CA THR A 234 -9.98 -25.40 20.27
C THR A 234 -10.63 -26.53 19.51
N ALA A 235 -10.57 -26.48 18.19
CA ALA A 235 -10.96 -27.60 17.35
C ALA A 235 -9.76 -28.17 16.57
N PHE A 236 -8.53 -27.82 16.99
CA PHE A 236 -7.34 -28.29 16.28
C PHE A 236 -7.35 -29.81 16.09
N HIS A 237 -7.72 -30.54 17.13
CA HIS A 237 -7.68 -32.00 17.12
C HIS A 237 -8.89 -32.62 16.43
N ALA A 238 -9.87 -31.83 16.00
CA ALA A 238 -11.16 -32.35 15.52
C ALA A 238 -11.50 -31.76 14.15
N PRO A 239 -10.79 -32.19 13.10
CA PRO A 239 -10.99 -31.59 11.76
C PRO A 239 -12.41 -31.67 11.23
N SER A 240 -13.22 -32.64 11.67
CA SER A 240 -14.59 -32.76 11.19
C SER A 240 -15.57 -31.88 11.96
N HIS A 241 -15.14 -31.23 13.02
CA HIS A 241 -16.07 -30.44 13.81
C HIS A 241 -16.62 -29.27 12.99
N PRO A 242 -17.92 -28.95 13.13
CA PRO A 242 -18.52 -27.91 12.28
C PRO A 242 -18.02 -26.52 12.59
N LEU A 243 -17.49 -26.28 13.78
CA LEU A 243 -16.84 -25.02 14.12
C LEU A 243 -15.34 -25.25 14.13
N GLN A 244 -14.60 -24.41 13.41
CA GLN A 244 -13.15 -24.51 13.32
C GLN A 244 -12.51 -23.18 13.68
N LYS A 245 -11.18 -23.19 13.82
CA LYS A 245 -10.42 -21.98 14.13
C LYS A 245 -10.93 -21.29 15.39
N CYS A 246 -11.28 -22.09 16.41
CA CYS A 246 -11.98 -21.56 17.58
C CYS A 246 -10.98 -20.93 18.54
N GLY A 247 -11.01 -19.61 18.63
CA GLY A 247 -10.07 -18.91 19.50
C GLY A 247 -10.41 -17.43 19.51
N HIS A 248 -9.48 -16.63 20.04
CA HIS A 248 -9.64 -15.20 20.22
C HIS A 248 -10.96 -14.87 20.92
N ALA A 249 -11.01 -15.29 22.18
CA ALA A 249 -12.24 -15.26 22.95
C ALA A 249 -12.26 -14.08 23.94
N SER A 250 -13.45 -13.79 24.44
CA SER A 250 -13.65 -12.84 25.54
C SER A 250 -14.77 -13.37 26.42
N ILE A 251 -14.74 -13.00 27.70
CA ILE A 251 -15.65 -13.55 28.71
C ILE A 251 -16.60 -12.46 29.20
N VAL A 252 -17.85 -12.82 29.43
CA VAL A 252 -18.79 -11.94 30.11
C VAL A 252 -19.49 -12.72 31.21
N GLN A 253 -19.67 -12.07 32.36
CA GLN A 253 -20.56 -12.56 33.41
C GLN A 253 -21.85 -11.76 33.30
N THR A 254 -22.97 -12.47 33.14
CA THR A 254 -24.24 -11.79 32.91
C THR A 254 -24.80 -11.25 34.23
N HIS A 255 -25.76 -10.35 34.11
CA HIS A 255 -26.50 -9.87 35.28
C HIS A 255 -27.33 -10.97 35.93
N THR A 256 -27.44 -12.15 35.31
CA THR A 256 -28.07 -13.30 35.92
C THR A 256 -27.06 -14.26 36.56
N ASN A 257 -25.81 -13.82 36.72
CA ASN A 257 -24.74 -14.60 37.34
C ASN A 257 -24.39 -15.85 36.54
N GLU A 258 -24.39 -15.73 35.21
CA GLU A 258 -23.99 -16.83 34.35
C GLU A 258 -22.80 -16.38 33.50
N TRP A 259 -22.05 -17.35 32.96
CA TRP A 259 -20.75 -17.06 32.36
C TRP A 259 -20.72 -17.53 30.91
N TYR A 260 -20.30 -16.64 30.00
CA TYR A 260 -20.29 -16.96 28.58
C TYR A 260 -18.96 -16.56 27.96
N LEU A 261 -18.65 -17.22 26.84
CA LEU A 261 -17.39 -17.06 26.12
C LEU A 261 -17.72 -16.80 24.65
N ALA A 262 -17.49 -15.57 24.19
CA ALA A 262 -17.58 -15.27 22.77
C ALA A 262 -16.25 -15.60 22.11
N HIS A 263 -16.30 -16.08 20.87
CA HIS A 263 -15.06 -16.45 20.19
C HIS A 263 -15.27 -16.38 18.68
N LEU A 264 -14.16 -16.27 17.94
CA LEU A 264 -14.30 -16.36 16.50
C LEU A 264 -14.24 -17.82 16.06
N THR A 265 -14.77 -18.08 14.85
CA THR A 265 -14.78 -19.44 14.31
C THR A 265 -14.95 -19.36 12.80
N GLY A 266 -14.42 -20.37 12.10
CA GLY A 266 -14.68 -20.54 10.68
C GLY A 266 -15.52 -21.77 10.43
N ARG A 267 -16.39 -21.69 9.41
CA ARG A 267 -17.22 -22.80 8.97
C ARG A 267 -16.75 -23.22 7.58
N PRO A 268 -15.85 -24.19 7.48
CA PRO A 268 -15.19 -24.45 6.19
C PRO A 268 -16.02 -25.29 5.24
N ILE A 269 -15.81 -25.01 3.96
CA ILE A 269 -16.21 -25.90 2.87
C ILE A 269 -15.03 -26.81 2.55
N HIS A 270 -15.29 -28.11 2.43
CA HIS A 270 -14.21 -29.07 2.20
C HIS A 270 -14.20 -29.54 0.75
N SER A 271 -13.09 -30.17 0.37
CA SER A 271 -12.94 -30.81 -0.93
C SER A 271 -13.09 -32.32 -0.79
N SER A 272 -13.98 -32.90 -1.60
CA SER A 272 -14.20 -34.34 -1.52
C SER A 272 -12.99 -35.15 -1.96
N LYS A 273 -12.03 -34.55 -2.68
CA LYS A 273 -10.88 -35.32 -3.12
C LYS A 273 -9.68 -35.17 -2.19
N GLU A 274 -9.80 -34.47 -1.07
CA GLU A 274 -8.72 -34.32 -0.12
C GLU A 274 -9.12 -34.87 1.23
N SER A 275 -8.12 -35.24 2.02
CA SER A 275 -8.36 -35.54 3.43
C SER A 275 -8.65 -34.26 4.19
N ILE A 276 -9.74 -34.27 4.95
CA ILE A 276 -10.05 -33.14 5.83
C ILE A 276 -8.96 -32.93 6.87
N PHE A 277 -8.14 -33.96 7.15
CA PHE A 277 -7.05 -33.80 8.10
C PHE A 277 -5.87 -33.04 7.51
N GLN A 278 -5.74 -33.03 6.18
CA GLN A 278 -4.64 -32.35 5.51
C GLN A 278 -5.05 -31.03 4.88
N GLN A 279 -6.28 -30.93 4.39
CA GLN A 279 -6.84 -29.75 3.77
C GLN A 279 -8.08 -29.42 4.58
N ARG A 280 -7.92 -28.59 5.61
CA ARG A 280 -8.94 -28.38 6.62
C ARG A 280 -10.14 -27.56 6.15
N GLY A 281 -10.08 -26.93 4.98
CA GLY A 281 -11.25 -26.32 4.38
C GLY A 281 -11.05 -24.87 4.01
N TRP A 282 -12.05 -24.34 3.30
CA TRP A 282 -12.07 -22.95 2.82
C TRP A 282 -13.32 -22.26 3.34
N CYS A 283 -13.15 -21.05 3.88
CA CYS A 283 -14.22 -20.30 4.55
C CYS A 283 -14.55 -19.01 3.79
N PRO A 284 -15.49 -19.03 2.85
CA PRO A 284 -15.84 -17.77 2.18
C PRO A 284 -16.57 -16.80 3.08
N LEU A 285 -17.19 -17.28 4.16
CA LEU A 285 -17.81 -16.35 5.10
C LEU A 285 -16.81 -15.86 6.13
N GLY A 286 -15.53 -16.18 5.94
CA GLY A 286 -14.52 -15.61 6.80
C GLY A 286 -14.61 -16.14 8.21
N ARG A 287 -14.22 -15.30 9.15
CA ARG A 287 -14.25 -15.65 10.57
C ARG A 287 -15.49 -15.03 11.19
N GLU A 288 -16.32 -15.87 11.79
CA GLU A 288 -17.62 -15.50 12.36
C GLU A 288 -17.53 -15.55 13.88
N THR A 289 -18.56 -15.05 14.56
CA THR A 289 -18.56 -14.99 16.03
C THR A 289 -19.57 -15.99 16.57
N ALA A 290 -19.14 -16.76 17.57
CA ALA A 290 -19.97 -17.73 18.27
C ALA A 290 -19.85 -17.47 19.75
N ILE A 291 -20.82 -17.98 20.51
CA ILE A 291 -20.83 -17.84 21.97
C ILE A 291 -21.00 -19.21 22.61
N GLN A 292 -20.16 -19.53 23.58
CA GLN A 292 -20.29 -20.76 24.36
C GLN A 292 -20.66 -20.42 25.79
N LYS A 293 -21.21 -21.40 26.50
CA LYS A 293 -21.45 -21.26 27.94
C LYS A 293 -20.26 -21.84 28.70
N LEU A 294 -19.94 -21.20 29.83
CA LEU A 294 -18.87 -21.64 30.70
C LEU A 294 -19.44 -22.16 32.01
N GLU A 295 -18.74 -23.13 32.60
CA GLU A 295 -19.02 -23.57 33.96
C GLU A 295 -17.70 -23.67 34.70
N TRP A 296 -17.75 -23.47 36.01
CA TRP A 296 -16.54 -23.38 36.81
C TRP A 296 -16.36 -24.64 37.66
N LYS A 297 -15.10 -25.01 37.86
CA LYS A 297 -14.75 -26.09 38.79
C LYS A 297 -13.38 -25.79 39.36
N ASP A 298 -13.30 -25.70 40.69
CA ASP A 298 -12.02 -25.45 41.38
C ASP A 298 -11.32 -24.21 40.83
N GLY A 299 -12.08 -23.16 40.58
CA GLY A 299 -11.49 -21.91 40.15
C GLY A 299 -11.05 -21.87 38.70
N TRP A 300 -11.50 -22.82 37.89
CA TRP A 300 -11.18 -22.83 36.47
C TRP A 300 -12.47 -22.91 35.67
N PRO A 301 -12.58 -22.16 34.58
CA PRO A 301 -13.75 -22.29 33.72
C PRO A 301 -13.55 -23.35 32.66
N TYR A 302 -14.65 -23.97 32.26
CA TYR A 302 -14.67 -25.01 31.24
C TYR A 302 -15.80 -24.69 30.28
N VAL A 303 -15.58 -24.98 29.00
CA VAL A 303 -16.63 -24.78 28.00
C VAL A 303 -17.64 -25.93 28.10
N VAL A 304 -18.91 -25.57 28.27
CA VAL A 304 -19.97 -26.57 28.39
C VAL A 304 -20.07 -27.33 27.08
N GLY A 305 -19.92 -28.65 27.16
CA GLY A 305 -20.01 -29.49 25.99
C GLY A 305 -18.69 -29.90 25.39
N GLY A 306 -17.56 -29.45 25.94
CA GLY A 306 -16.26 -29.80 25.42
C GLY A 306 -15.53 -28.60 24.81
N LYS A 307 -14.22 -28.76 24.62
CA LYS A 307 -13.38 -27.66 24.15
C LYS A 307 -13.73 -27.23 22.72
N GLU A 308 -14.42 -28.08 21.96
CA GLU A 308 -14.63 -27.81 20.54
C GLU A 308 -15.73 -26.77 20.29
N GLY A 309 -16.62 -26.56 21.24
CA GLY A 309 -17.73 -25.65 21.02
C GLY A 309 -18.95 -26.37 20.45
N LEU A 310 -20.12 -25.82 20.73
CA LEU A 310 -21.39 -26.36 20.27
C LEU A 310 -22.05 -25.42 19.28
N LEU A 311 -22.87 -26.00 18.41
CA LEU A 311 -23.72 -25.19 17.52
C LEU A 311 -24.94 -24.63 18.24
N GLU A 312 -25.50 -25.38 19.20
CA GLU A 312 -26.64 -24.94 19.98
C GLU A 312 -26.22 -24.88 21.45
N VAL A 313 -26.29 -23.70 22.04
CA VAL A 313 -25.71 -23.44 23.36
C VAL A 313 -26.80 -22.99 24.33
N GLU A 314 -26.71 -23.46 25.57
CA GLU A 314 -27.66 -23.07 26.61
C GLU A 314 -27.63 -21.57 26.83
N ALA A 315 -28.77 -20.93 26.65
CA ALA A 315 -28.89 -19.50 26.77
C ALA A 315 -29.07 -19.06 28.22
N PRO A 316 -28.71 -17.83 28.57
CA PRO A 316 -28.90 -17.34 29.94
C PRO A 316 -30.39 -17.18 30.27
N ALA A 317 -30.65 -17.04 31.57
CA ALA A 317 -32.03 -16.96 32.06
C ALA A 317 -32.55 -15.53 31.91
N MET A 318 -32.87 -15.18 30.67
CA MET A 318 -33.32 -13.85 30.31
C MET A 318 -34.51 -13.96 29.38
N SER A 319 -35.33 -12.92 29.37
CA SER A 319 -36.45 -12.89 28.45
C SER A 319 -35.95 -12.79 27.02
N VAL A 320 -36.59 -13.52 26.12
CA VAL A 320 -36.23 -13.48 24.71
C VAL A 320 -36.52 -12.10 24.16
N LYS A 321 -35.59 -11.56 23.38
CA LYS A 321 -35.79 -10.27 22.72
C LYS A 321 -35.27 -10.41 21.30
N GLU A 322 -36.18 -10.71 20.37
CA GLU A 322 -35.85 -10.71 18.96
C GLU A 322 -35.78 -9.28 18.44
N PHE A 323 -35.02 -9.10 17.37
CA PHE A 323 -34.95 -7.82 16.69
C PHE A 323 -35.49 -7.98 15.28
N SER A 324 -36.04 -6.90 14.78
CA SER A 324 -36.45 -6.85 13.39
C SER A 324 -35.24 -6.55 12.52
N PRO A 325 -35.32 -6.83 11.22
CA PRO A 325 -34.15 -6.65 10.35
C PRO A 325 -33.68 -5.20 10.31
N THR A 326 -32.37 -5.04 10.11
CA THR A 326 -31.76 -3.74 9.93
C THR A 326 -31.38 -3.45 8.48
N TYR A 327 -31.86 -4.28 7.53
CA TYR A 327 -31.71 -3.96 6.11
C TYR A 327 -32.98 -4.38 5.39
N HIS A 328 -33.20 -3.78 4.23
CA HIS A 328 -34.29 -4.18 3.34
C HIS A 328 -33.79 -5.25 2.38
N ILE A 329 -34.58 -6.31 2.20
CA ILE A 329 -34.25 -7.31 1.19
C ILE A 329 -34.02 -6.62 -0.15
N VAL A 330 -34.90 -5.70 -0.50
CA VAL A 330 -34.75 -4.90 -1.71
C VAL A 330 -34.58 -3.45 -1.26
N ASP A 331 -33.35 -2.94 -1.35
CA ASP A 331 -33.05 -1.56 -0.99
C ASP A 331 -33.19 -0.73 -2.26
N GLU A 332 -34.19 0.15 -2.30
CA GLU A 332 -34.42 1.00 -3.46
C GLU A 332 -33.73 2.36 -3.35
N PHE A 333 -32.87 2.55 -2.34
CA PHE A 333 -32.06 3.76 -2.19
C PHE A 333 -32.92 5.00 -2.08
N LYS A 334 -34.07 4.87 -1.43
CA LYS A 334 -34.89 6.04 -1.17
C LYS A 334 -34.33 6.88 -0.02
N ASP A 335 -33.65 6.25 0.93
CA ASP A 335 -33.04 6.98 2.04
C ASP A 335 -31.79 7.71 1.57
N SER A 336 -31.50 8.85 2.21
CA SER A 336 -30.34 9.64 1.86
C SER A 336 -29.08 9.24 2.62
N SER A 337 -29.15 8.21 3.46
CA SER A 337 -27.98 7.60 4.06
C SER A 337 -27.86 6.16 3.59
N LEU A 338 -26.64 5.72 3.33
CA LEU A 338 -26.44 4.32 2.99
C LEU A 338 -26.78 3.43 4.17
N ASN A 339 -27.48 2.33 3.88
CA ASN A 339 -27.81 1.35 4.89
C ASN A 339 -26.56 0.88 5.63
N ARG A 340 -26.74 0.60 6.92
CA ARG A 340 -25.61 0.31 7.80
C ARG A 340 -24.86 -0.96 7.45
N HIS A 341 -25.41 -1.83 6.62
CA HIS A 341 -24.67 -3.03 6.23
C HIS A 341 -23.76 -2.81 5.03
N PHE A 342 -23.81 -1.64 4.41
CA PHE A 342 -22.89 -1.30 3.34
C PHE A 342 -21.62 -0.69 3.93
N GLN A 343 -20.48 -1.06 3.37
CA GLN A 343 -19.20 -0.44 3.69
C GLN A 343 -18.49 -0.09 2.40
N THR A 344 -17.48 0.77 2.53
CA THR A 344 -16.60 1.11 1.42
C THR A 344 -15.19 0.68 1.79
N LEU A 345 -14.32 0.62 0.80
CA LEU A 345 -12.93 0.24 1.06
C LEU A 345 -12.12 1.44 1.54
N ARG A 346 -11.61 1.34 2.78
CA ARG A 346 -10.59 2.23 3.33
C ARG A 346 -11.03 3.67 3.59
N ILE A 347 -11.80 4.30 2.69
CA ILE A 347 -12.11 5.72 2.79
C ILE A 347 -13.60 5.91 3.08
N PRO A 348 -14.01 7.06 3.60
CA PRO A 348 -15.44 7.31 3.80
C PRO A 348 -16.16 7.48 2.47
N PHE A 349 -17.47 7.24 2.53
CA PHE A 349 -18.36 7.46 1.40
C PHE A 349 -18.67 8.96 1.30
N THR A 350 -18.09 9.61 0.30
CA THR A 350 -18.32 11.02 0.04
C THR A 350 -18.58 11.19 -1.44
N ASP A 351 -18.80 12.45 -1.86
CA ASP A 351 -18.92 12.83 -3.27
C ASP A 351 -17.75 12.42 -4.12
N GLN A 352 -16.59 12.15 -3.52
CA GLN A 352 -15.49 11.60 -4.30
C GLN A 352 -15.90 10.33 -5.03
N ILE A 353 -16.75 9.51 -4.43
CA ILE A 353 -17.07 8.23 -5.06
C ILE A 353 -18.54 8.02 -5.32
N GLY A 354 -19.46 8.71 -4.64
CA GLY A 354 -20.86 8.45 -4.92
C GLY A 354 -21.80 9.39 -4.21
N SER A 355 -23.10 9.15 -4.43
CA SER A 355 -24.15 9.96 -3.84
C SER A 355 -25.48 9.21 -3.95
N VAL A 356 -26.29 9.27 -2.89
CA VAL A 356 -27.65 8.74 -2.97
C VAL A 356 -28.68 9.85 -3.11
N THR A 357 -28.22 11.08 -3.30
CA THR A 357 -29.13 12.21 -3.46
C THR A 357 -29.07 12.87 -4.84
N GLU A 358 -27.95 12.72 -5.56
CA GLU A 358 -27.82 13.39 -6.86
C GLU A 358 -28.87 12.93 -7.85
N ASN A 359 -29.13 11.63 -7.91
CA ASN A 359 -30.20 11.07 -8.73
C ASN A 359 -31.11 10.32 -7.78
N PRO A 360 -32.21 10.93 -7.33
CA PRO A 360 -32.99 10.34 -6.25
C PRO A 360 -33.45 8.92 -6.54
N HIS A 361 -33.47 8.10 -5.49
CA HIS A 361 -33.85 6.69 -5.53
C HIS A 361 -32.87 5.85 -6.34
N HIS A 362 -31.64 6.32 -6.51
CA HIS A 362 -30.54 5.55 -7.07
C HIS A 362 -29.29 5.76 -6.23
N LEU A 363 -28.43 4.74 -6.19
CA LEU A 363 -27.06 4.92 -5.74
C LEU A 363 -26.21 5.26 -6.96
N ARG A 364 -25.68 6.48 -6.99
CA ARG A 364 -24.80 6.90 -8.08
C ARG A 364 -23.36 6.73 -7.63
N LEU A 365 -22.57 6.05 -8.45
CA LEU A 365 -21.15 5.85 -8.17
C LEU A 365 -20.36 6.51 -9.28
N TYR A 366 -19.42 7.39 -8.92
CA TYR A 366 -18.59 8.06 -9.91
C TYR A 366 -17.36 7.20 -10.16
N GLY A 367 -17.17 6.79 -11.41
CA GLY A 367 -16.08 5.89 -11.76
C GLY A 367 -14.73 6.35 -11.27
N GLN A 368 -14.07 5.53 -10.43
CA GLN A 368 -12.72 5.85 -9.94
C GLN A 368 -11.80 4.68 -10.25
N GLU A 369 -10.96 4.28 -9.30
CA GLU A 369 -9.91 3.30 -9.58
C GLU A 369 -10.44 1.87 -9.62
N SER A 370 -9.62 0.99 -10.20
CA SER A 370 -10.00 -0.40 -10.39
C SER A 370 -10.10 -1.14 -9.05
N LEU A 371 -10.62 -2.36 -9.15
CA LEU A 371 -10.76 -3.23 -7.98
C LEU A 371 -9.42 -3.68 -7.38
N THR A 372 -8.30 -3.47 -8.07
CA THR A 372 -6.98 -3.80 -7.53
C THR A 372 -6.34 -2.64 -6.76
N SER A 373 -6.98 -1.48 -6.67
CA SER A 373 -6.38 -0.31 -6.05
C SER A 373 -6.65 -0.25 -4.56
N LYS A 374 -5.62 0.07 -3.80
CA LYS A 374 -5.75 0.25 -2.36
C LYS A 374 -6.06 1.70 -1.98
N PHE A 375 -6.49 2.52 -2.94
CA PHE A 375 -6.68 3.92 -2.62
C PHE A 375 -8.14 4.35 -2.74
N THR A 376 -8.62 4.65 -3.95
CA THR A 376 -9.94 5.28 -4.08
C THR A 376 -10.80 4.45 -5.03
N GLN A 377 -11.62 3.56 -4.48
CA GLN A 377 -12.54 2.73 -5.25
C GLN A 377 -13.96 3.19 -5.02
N ALA A 378 -14.72 3.33 -6.11
CA ALA A 378 -16.15 3.65 -5.97
C ALA A 378 -16.88 2.30 -5.96
N PHE A 379 -16.95 1.74 -4.76
CA PHE A 379 -17.41 0.37 -4.54
C PHE A 379 -18.14 0.36 -3.20
N VAL A 380 -19.40 -0.04 -3.22
CA VAL A 380 -20.24 -0.07 -2.04
C VAL A 380 -20.71 -1.52 -1.87
N ALA A 381 -20.41 -2.13 -0.74
CA ALA A 381 -20.58 -3.58 -0.64
C ALA A 381 -21.02 -4.00 0.75
N ARG A 382 -21.52 -5.24 0.82
CA ARG A 382 -21.99 -5.84 2.05
C ARG A 382 -21.54 -7.30 2.11
N ARG A 383 -21.51 -7.85 3.33
CA ARG A 383 -20.96 -9.17 3.56
C ARG A 383 -21.84 -10.28 2.98
N TRP A 384 -21.18 -11.31 2.43
CA TRP A 384 -21.82 -12.62 2.38
C TRP A 384 -22.09 -13.07 3.81
N GLN A 385 -23.35 -13.37 4.12
CA GLN A 385 -23.69 -13.82 5.46
C GLN A 385 -24.47 -15.11 5.44
N SER A 386 -24.52 -15.79 4.30
CA SER A 386 -25.19 -17.07 4.15
C SER A 386 -24.48 -17.83 3.06
N PHE A 387 -24.46 -19.16 3.17
CA PHE A 387 -23.90 -19.98 2.10
C PHE A 387 -24.81 -20.02 0.87
N TYR A 388 -26.09 -19.68 1.04
CA TYR A 388 -27.06 -19.70 -0.05
C TYR A 388 -27.80 -18.37 -0.07
N PHE A 389 -27.65 -17.63 -1.16
CA PHE A 389 -28.37 -16.36 -1.31
C PHE A 389 -28.32 -15.92 -2.77
N GLU A 390 -29.18 -14.94 -3.07
CA GLU A 390 -29.15 -14.23 -4.33
C GLU A 390 -28.94 -12.76 -4.05
N ALA A 391 -28.10 -12.12 -4.85
CA ALA A 391 -27.98 -10.67 -4.84
C ALA A 391 -28.22 -10.15 -6.24
N GLU A 392 -28.81 -8.96 -6.32
CA GLU A 392 -29.26 -8.47 -7.61
C GLU A 392 -29.26 -6.95 -7.61
N THR A 393 -28.91 -6.38 -8.76
CA THR A 393 -28.94 -4.92 -8.91
C THR A 393 -29.34 -4.62 -10.35
N ALA A 394 -29.60 -3.34 -10.60
CA ALA A 394 -29.96 -2.85 -11.93
C ALA A 394 -29.19 -1.55 -12.16
N VAL A 395 -28.40 -1.49 -13.23
CA VAL A 395 -27.49 -0.36 -13.43
C VAL A 395 -27.82 0.35 -14.74
N SER A 396 -27.87 1.67 -14.66
CA SER A 396 -27.89 2.58 -15.81
C SER A 396 -26.46 3.07 -16.00
N PHE A 397 -25.84 2.68 -17.10
CA PHE A 397 -24.44 3.01 -17.33
C PHE A 397 -24.17 3.02 -18.83
N PHE A 398 -23.63 4.13 -19.32
CA PHE A 398 -23.41 4.35 -20.76
C PHE A 398 -21.95 4.68 -21.00
N PRO A 399 -21.07 3.69 -20.86
CA PRO A 399 -19.65 3.94 -21.06
C PRO A 399 -19.36 4.30 -22.51
N LYS A 400 -18.36 5.14 -22.70
CA LYS A 400 -17.92 5.53 -24.02
C LYS A 400 -16.52 5.06 -24.36
N ASN A 401 -15.79 4.46 -23.42
CA ASN A 401 -14.48 3.90 -23.77
C ASN A 401 -14.21 2.68 -22.89
N PHE A 402 -13.20 1.91 -23.29
CA PHE A 402 -12.97 0.60 -22.65
C PHE A 402 -12.46 0.73 -21.21
N GLN A 403 -12.09 1.93 -20.76
CA GLN A 403 -11.62 2.11 -19.40
C GLN A 403 -12.74 2.46 -18.43
N GLN A 404 -14.00 2.32 -18.86
CA GLN A 404 -15.16 2.59 -18.02
C GLN A 404 -16.00 1.32 -17.90
N ALA A 405 -16.30 0.92 -16.66
CA ALA A 405 -17.04 -0.32 -16.41
C ALA A 405 -17.76 -0.22 -15.08
N ALA A 406 -18.97 -0.76 -15.01
CA ALA A 406 -19.76 -0.66 -13.79
C ALA A 406 -20.66 -1.86 -13.64
N GLY A 407 -20.78 -2.37 -12.42
CA GLY A 407 -21.70 -3.47 -12.26
C GLY A 407 -21.70 -4.15 -10.91
N LEU A 408 -21.81 -5.47 -10.94
CA LEU A 408 -21.99 -6.28 -9.74
C LEU A 408 -20.71 -7.04 -9.45
N VAL A 409 -20.27 -7.00 -8.20
CA VAL A 409 -18.94 -7.50 -7.85
C VAL A 409 -19.04 -8.43 -6.66
N ASN A 410 -18.30 -9.54 -6.70
CA ASN A 410 -18.05 -10.36 -5.52
C ASN A 410 -16.57 -10.32 -5.23
N TYR A 411 -16.21 -10.05 -3.97
CA TYR A 411 -14.90 -9.47 -3.68
C TYR A 411 -14.37 -9.98 -2.36
N TYR A 412 -13.08 -10.33 -2.34
CA TYR A 412 -12.37 -10.64 -1.10
C TYR A 412 -11.30 -9.58 -0.82
N ASN A 413 -10.37 -9.35 -1.74
CA ASN A 413 -9.38 -8.28 -1.57
C ASN A 413 -8.95 -7.78 -2.95
N THR A 414 -7.90 -6.94 -2.98
CA THR A 414 -7.59 -6.28 -4.25
C THR A 414 -7.11 -7.25 -5.31
N GLU A 415 -6.68 -8.45 -4.90
CA GLU A 415 -6.15 -9.46 -5.80
C GLU A 415 -7.16 -10.57 -6.07
N ASN A 416 -8.33 -10.53 -5.45
CA ASN A 416 -9.24 -11.67 -5.47
C ASN A 416 -10.69 -11.18 -5.54
N TRP A 417 -11.28 -11.28 -6.73
CA TRP A 417 -12.63 -10.78 -6.96
C TRP A 417 -13.08 -11.23 -8.34
N THR A 418 -14.39 -11.21 -8.55
CA THR A 418 -14.97 -11.30 -9.88
C THR A 418 -15.95 -10.16 -10.05
N ALA A 419 -16.15 -9.74 -11.31
CA ALA A 419 -17.01 -8.59 -11.59
C ALA A 419 -17.77 -8.81 -12.90
N LEU A 420 -19.07 -8.55 -12.85
CA LEU A 420 -19.94 -8.56 -14.02
C LEU A 420 -20.29 -7.10 -14.30
N GLN A 421 -19.73 -6.54 -15.38
CA GLN A 421 -19.77 -5.09 -15.56
C GLN A 421 -20.21 -4.72 -16.97
N VAL A 422 -21.02 -3.67 -17.03
CA VAL A 422 -21.31 -2.95 -18.27
C VAL A 422 -20.07 -2.16 -18.65
N THR A 423 -19.55 -2.40 -19.84
CA THR A 423 -18.37 -1.67 -20.31
C THR A 423 -18.57 -1.37 -21.79
N TYR A 424 -17.55 -0.80 -22.43
CA TYR A 424 -17.62 -0.39 -23.82
C TYR A 424 -16.48 -1.03 -24.62
N ASP A 425 -16.80 -1.56 -25.79
CA ASP A 425 -15.82 -2.13 -26.70
C ASP A 425 -15.91 -1.37 -28.02
N ASP A 426 -14.77 -0.96 -28.58
CA ASP A 426 -14.79 -0.14 -29.77
C ASP A 426 -15.40 -0.85 -30.97
N ALA A 427 -15.47 -2.18 -30.95
CA ALA A 427 -16.02 -2.94 -32.06
C ALA A 427 -17.47 -3.34 -31.84
N LEU A 428 -17.93 -3.41 -30.60
CA LEU A 428 -19.29 -3.88 -30.33
C LEU A 428 -20.17 -2.85 -29.64
N GLY A 429 -19.61 -1.76 -29.12
CA GLY A 429 -20.39 -0.81 -28.34
C GLY A 429 -20.51 -1.29 -26.90
N ARG A 430 -21.68 -1.08 -26.28
CA ARG A 430 -21.86 -1.53 -24.90
C ARG A 430 -21.90 -3.05 -24.84
N ILE A 431 -21.10 -3.63 -23.93
CA ILE A 431 -21.08 -5.06 -23.70
C ILE A 431 -21.16 -5.32 -22.21
N LEU A 432 -21.57 -6.53 -21.86
CA LEU A 432 -21.56 -6.99 -20.47
C LEU A 432 -20.41 -7.98 -20.34
N GLU A 433 -19.43 -7.65 -19.49
CA GLU A 433 -18.19 -8.38 -19.46
C GLU A 433 -17.93 -8.96 -18.07
N LEU A 434 -17.43 -10.19 -18.05
CA LEU A 434 -17.05 -10.88 -16.81
C LEU A 434 -15.54 -10.81 -16.65
N SER A 435 -15.07 -10.27 -15.51
CA SER A 435 -13.65 -10.23 -15.20
C SER A 435 -13.40 -11.03 -13.93
N VAL A 436 -12.28 -11.74 -13.91
CA VAL A 436 -11.92 -12.67 -12.85
C VAL A 436 -10.47 -12.36 -12.43
N CYS A 437 -10.26 -12.09 -11.15
CA CYS A 437 -8.93 -11.83 -10.60
C CYS A 437 -8.66 -12.83 -9.49
N GLU A 438 -7.70 -13.74 -9.71
CA GLU A 438 -7.37 -14.79 -8.75
C GLU A 438 -5.93 -14.63 -8.33
N ASN A 439 -5.72 -14.15 -7.11
CA ASN A 439 -4.38 -13.81 -6.61
C ASN A 439 -3.62 -13.03 -7.67
N LEU A 440 -4.29 -12.01 -8.21
CA LEU A 440 -3.81 -11.04 -9.20
C LEU A 440 -3.63 -11.63 -10.59
N ALA A 441 -3.99 -12.89 -10.83
CA ALA A 441 -4.03 -13.43 -12.19
C ALA A 441 -5.37 -13.09 -12.82
N PHE A 442 -5.35 -12.38 -13.94
CA PHE A 442 -6.53 -11.73 -14.49
C PHE A 442 -7.00 -12.46 -15.74
N SER A 443 -8.30 -12.70 -15.83
CA SER A 443 -8.85 -13.35 -17.00
C SER A 443 -10.23 -12.78 -17.31
N GLN A 444 -10.60 -12.84 -18.58
CA GLN A 444 -11.95 -12.46 -19.01
C GLN A 444 -12.39 -13.62 -19.88
N PRO A 445 -13.05 -14.63 -19.29
CA PRO A 445 -13.16 -15.93 -19.95
C PRO A 445 -14.26 -16.05 -20.99
N LEU A 446 -15.18 -15.07 -21.08
CA LEU A 446 -16.24 -15.12 -22.09
C LEU A 446 -15.61 -14.96 -23.48
N ILE A 447 -15.68 -16.03 -24.28
CA ILE A 447 -15.15 -15.94 -25.64
C ILE A 447 -16.04 -15.05 -26.51
N LYS A 448 -17.35 -15.26 -26.43
CA LYS A 448 -18.30 -14.45 -27.17
C LYS A 448 -18.85 -13.35 -26.26
N LYS A 449 -18.59 -12.10 -26.62
CA LYS A 449 -18.99 -10.98 -25.78
C LYS A 449 -20.50 -10.76 -25.86
N ILE A 450 -21.06 -10.27 -24.75
CA ILE A 450 -22.51 -10.06 -24.63
C ILE A 450 -22.82 -8.63 -25.04
N ILE A 451 -23.50 -8.46 -26.17
CA ILE A 451 -23.79 -7.11 -26.64
C ILE A 451 -25.06 -6.59 -25.96
N ILE A 452 -25.01 -5.33 -25.52
CA ILE A 452 -26.16 -4.67 -24.91
C ILE A 452 -26.73 -3.69 -25.94
N PRO A 453 -27.99 -3.81 -26.32
CA PRO A 453 -28.57 -2.83 -27.26
C PRO A 453 -28.62 -1.43 -26.66
N ASP A 454 -28.46 -0.43 -27.53
CA ASP A 454 -28.48 0.97 -27.13
C ASP A 454 -29.74 1.35 -26.36
N GLU A 455 -30.89 0.76 -26.72
CA GLU A 455 -32.16 1.20 -26.16
C GLU A 455 -32.45 0.65 -24.77
N ILE A 456 -31.54 -0.14 -24.19
CA ILE A 456 -31.76 -0.72 -22.87
C ILE A 456 -31.38 0.29 -21.78
N PRO A 457 -32.34 0.77 -20.99
CA PRO A 457 -32.02 1.77 -19.98
C PRO A 457 -31.34 1.18 -18.74
N TYR A 458 -31.73 -0.02 -18.34
CA TYR A 458 -31.14 -0.68 -17.18
C TYR A 458 -30.74 -2.09 -17.55
N VAL A 459 -29.53 -2.49 -17.12
CA VAL A 459 -29.10 -3.88 -17.20
C VAL A 459 -29.25 -4.50 -15.81
N TYR A 460 -30.00 -5.60 -15.72
CA TYR A 460 -30.25 -6.29 -14.46
C TYR A 460 -29.21 -7.39 -14.30
N LEU A 461 -28.59 -7.44 -13.11
CA LEU A 461 -27.43 -8.28 -12.83
C LEU A 461 -27.70 -9.10 -11.59
N LYS A 462 -27.43 -10.41 -11.66
CA LYS A 462 -27.72 -11.27 -10.53
C LYS A 462 -26.55 -12.21 -10.26
N VAL A 463 -26.31 -12.47 -8.98
CA VAL A 463 -25.41 -13.54 -8.57
C VAL A 463 -26.19 -14.49 -7.69
N THR A 464 -26.03 -15.78 -7.95
CA THR A 464 -26.70 -16.84 -7.20
C THR A 464 -25.61 -17.65 -6.52
N VAL A 465 -25.51 -17.52 -5.21
CA VAL A 465 -24.46 -18.16 -4.44
C VAL A 465 -24.99 -19.46 -3.87
N GLN A 466 -24.30 -20.55 -4.15
CA GLN A 466 -24.75 -21.91 -3.86
C GLN A 466 -23.65 -22.67 -3.11
N ARG A 467 -23.29 -22.17 -1.92
CA ARG A 467 -22.23 -22.76 -1.11
C ARG A 467 -20.88 -22.79 -1.85
N GLU A 468 -20.44 -23.95 -2.34
CA GLU A 468 -19.11 -24.03 -2.94
C GLU A 468 -18.99 -23.31 -4.29
N THR A 469 -20.10 -23.06 -4.99
CA THR A 469 -20.03 -22.36 -6.26
C THR A 469 -21.01 -21.19 -6.27
N TYR A 470 -20.83 -20.31 -7.26
CA TYR A 470 -21.79 -19.25 -7.54
C TYR A 470 -21.76 -18.93 -9.03
N THR A 471 -22.88 -18.45 -9.54
CA THR A 471 -22.96 -18.07 -10.95
C THR A 471 -23.65 -16.72 -11.11
N TYR A 472 -23.27 -16.02 -12.16
CA TYR A 472 -23.91 -14.78 -12.55
C TYR A 472 -24.98 -15.02 -13.61
N SER A 473 -25.95 -14.12 -13.65
CA SER A 473 -26.92 -14.10 -14.74
C SER A 473 -27.34 -12.65 -14.96
N TYR A 474 -28.00 -12.40 -16.08
CA TYR A 474 -28.35 -11.04 -16.43
C TYR A 474 -29.64 -11.03 -17.21
N SER A 475 -30.21 -9.84 -17.29
CA SER A 475 -31.50 -9.62 -17.95
C SER A 475 -31.55 -8.19 -18.44
N PHE A 476 -32.20 -8.00 -19.58
CA PHE A 476 -32.48 -6.65 -20.09
C PHE A 476 -33.91 -6.22 -19.77
N ASP A 477 -34.75 -7.12 -19.27
CA ASP A 477 -36.16 -6.87 -19.06
C ASP A 477 -36.62 -7.09 -17.64
N GLN A 478 -35.81 -7.70 -16.78
CA GLN A 478 -36.12 -8.11 -15.42
C GLN A 478 -37.07 -9.30 -15.37
N GLN A 479 -37.51 -9.83 -16.52
CA GLN A 479 -38.40 -10.98 -16.57
C GLN A 479 -37.73 -12.25 -17.08
N GLU A 480 -36.92 -12.16 -18.13
CA GLU A 480 -36.20 -13.30 -18.70
C GLU A 480 -34.72 -13.19 -18.33
N TRP A 481 -34.21 -14.16 -17.60
CA TRP A 481 -32.82 -14.16 -17.15
C TRP A 481 -31.95 -15.03 -18.05
N GLU A 482 -30.82 -14.50 -18.47
CA GLU A 482 -29.86 -15.21 -19.31
C GLU A 482 -28.70 -15.73 -18.48
N LYS A 483 -28.30 -16.97 -18.74
CA LYS A 483 -27.21 -17.55 -17.99
C LYS A 483 -25.87 -17.02 -18.49
N ILE A 484 -24.89 -17.03 -17.60
CA ILE A 484 -23.50 -16.77 -17.96
C ILE A 484 -22.76 -18.04 -17.59
N ASP A 485 -22.37 -18.81 -18.60
CA ASP A 485 -21.97 -20.21 -18.42
C ASP A 485 -20.51 -20.31 -17.96
N VAL A 486 -20.23 -19.67 -16.83
CA VAL A 486 -18.92 -19.74 -16.22
C VAL A 486 -19.14 -20.08 -14.76
N PRO A 487 -18.88 -21.31 -14.34
CA PRO A 487 -18.99 -21.64 -12.92
C PRO A 487 -17.82 -21.01 -12.16
N LEU A 488 -18.13 -20.36 -11.05
CA LEU A 488 -17.11 -19.72 -10.23
C LEU A 488 -17.10 -20.38 -8.87
N GLU A 489 -15.94 -20.36 -8.23
CA GLU A 489 -15.73 -21.08 -6.99
C GLU A 489 -15.77 -20.12 -5.82
N SER A 490 -16.76 -20.30 -4.94
CA SER A 490 -16.87 -19.47 -3.74
C SER A 490 -15.63 -19.59 -2.87
N THR A 491 -14.98 -20.75 -2.91
CA THR A 491 -13.79 -20.98 -2.08
C THR A 491 -12.63 -20.11 -2.53
N HIS A 492 -12.68 -19.54 -3.73
CA HIS A 492 -11.63 -18.62 -4.14
C HIS A 492 -11.79 -17.24 -3.52
N LEU A 493 -12.92 -16.96 -2.88
CA LEU A 493 -13.07 -15.72 -2.14
C LEU A 493 -13.06 -16.01 -0.64
N SER A 494 -12.02 -16.69 -0.16
CA SER A 494 -12.00 -17.17 1.22
C SER A 494 -10.66 -16.83 1.86
N ASP A 495 -10.69 -16.78 3.21
CA ASP A 495 -9.47 -16.56 3.99
C ASP A 495 -8.38 -17.57 3.64
N ASP A 496 -8.78 -18.79 3.30
CA ASP A 496 -7.89 -19.92 3.17
C ASP A 496 -7.31 -20.06 1.77
N PHE A 497 -7.77 -19.25 0.83
CA PHE A 497 -7.28 -19.29 -0.55
C PHE A 497 -6.32 -18.16 -0.88
N ILE A 498 -6.55 -16.96 -0.38
CA ILE A 498 -5.84 -15.80 -0.93
C ILE A 498 -4.40 -15.79 -0.42
N ARG A 499 -3.49 -15.28 -1.23
CA ARG A 499 -2.09 -15.22 -0.84
C ARG A 499 -1.81 -13.98 0.02
N GLY A 500 -0.69 -14.03 0.75
CA GLY A 500 -0.14 -12.87 1.42
C GLY A 500 -0.28 -12.96 2.94
N GLY A 501 0.24 -11.92 3.59
CA GLY A 501 0.32 -11.91 5.03
C GLY A 501 -0.98 -11.62 5.75
N GLY A 502 -1.95 -11.00 5.08
CA GLY A 502 -3.20 -10.70 5.76
C GLY A 502 -4.37 -11.39 5.09
N PHE A 503 -5.12 -12.18 5.84
CA PHE A 503 -6.13 -13.07 5.28
C PHE A 503 -7.32 -13.10 6.21
N PHE A 504 -7.85 -11.92 6.54
CA PHE A 504 -8.59 -11.73 7.77
C PHE A 504 -10.03 -11.21 7.59
N THR A 505 -10.54 -11.18 6.36
CA THR A 505 -11.87 -10.59 6.19
C THR A 505 -12.92 -11.62 5.79
N GLY A 506 -13.33 -11.62 4.53
CA GLY A 506 -14.39 -12.52 4.06
C GLY A 506 -14.99 -11.97 2.79
N ALA A 507 -15.87 -12.76 2.17
CA ALA A 507 -16.42 -12.35 0.89
C ALA A 507 -17.48 -11.27 1.06
N PHE A 508 -17.48 -10.30 0.12
CA PHE A 508 -18.48 -9.24 -0.01
C PHE A 508 -19.14 -9.31 -1.38
N VAL A 509 -20.34 -8.75 -1.48
CA VAL A 509 -21.03 -8.56 -2.75
C VAL A 509 -21.50 -7.11 -2.81
N GLY A 510 -21.33 -6.46 -3.96
CA GLY A 510 -21.63 -5.04 -3.98
C GLY A 510 -21.77 -4.47 -5.37
N MET A 511 -21.96 -3.15 -5.39
CA MET A 511 -22.12 -2.37 -6.60
C MET A 511 -20.86 -1.54 -6.81
N GLN A 512 -20.44 -1.41 -8.07
CA GLN A 512 -19.14 -0.82 -8.32
C GLN A 512 -19.15 -0.10 -9.66
N CYS A 513 -18.32 0.94 -9.76
CA CYS A 513 -18.08 1.64 -11.01
C CYS A 513 -16.61 2.04 -11.03
N GLN A 514 -15.92 1.77 -12.14
CA GLN A 514 -14.58 2.31 -12.33
C GLN A 514 -14.54 3.13 -13.61
N ASP A 515 -13.74 4.18 -13.59
CA ASP A 515 -13.41 4.95 -14.80
C ASP A 515 -11.92 5.26 -14.70
N THR A 516 -11.10 4.47 -15.40
CA THR A 516 -9.67 4.70 -15.37
C THR A 516 -9.21 5.57 -16.53
N SER A 517 -10.15 6.25 -17.20
CA SER A 517 -9.79 7.25 -18.19
C SER A 517 -9.62 8.63 -17.57
N GLY A 518 -10.39 8.93 -16.53
CA GLY A 518 -10.33 10.22 -15.88
C GLY A 518 -11.65 10.98 -15.88
N GLU A 519 -12.67 10.49 -16.59
CA GLU A 519 -13.91 11.23 -16.72
C GLU A 519 -14.84 11.09 -15.52
N ARG A 520 -14.56 10.17 -14.60
CA ARG A 520 -15.43 9.97 -13.43
C ARG A 520 -16.86 9.71 -13.86
N LEU A 521 -17.01 8.90 -14.90
CA LEU A 521 -18.33 8.65 -15.47
C LEU A 521 -19.25 8.02 -14.43
N PRO A 522 -20.46 8.53 -14.25
CA PRO A 522 -21.36 7.96 -13.23
C PRO A 522 -22.12 6.74 -13.72
N ALA A 523 -22.36 5.83 -12.78
CA ALA A 523 -23.28 4.72 -12.94
C ALA A 523 -24.37 4.83 -11.90
N ASP A 524 -25.62 4.58 -12.29
CA ASP A 524 -26.76 4.70 -11.38
C ASP A 524 -27.36 3.32 -11.12
N PHE A 525 -27.35 2.90 -9.85
CA PHE A 525 -27.91 1.61 -9.45
C PHE A 525 -29.30 1.83 -8.89
N LYS A 526 -30.30 1.16 -9.46
CA LYS A 526 -31.68 1.44 -9.07
C LYS A 526 -32.06 0.79 -7.77
N TYR A 527 -31.52 -0.39 -7.47
CA TYR A 527 -31.81 -1.08 -6.23
C TYR A 527 -30.70 -2.07 -5.98
N PHE A 528 -30.68 -2.58 -4.75
CA PHE A 528 -29.81 -3.71 -4.40
C PHE A 528 -30.63 -4.72 -3.60
N ARG A 529 -30.83 -5.89 -4.18
CA ARG A 529 -31.49 -7.00 -3.50
C ARG A 529 -30.42 -7.92 -2.92
N TYR A 530 -30.59 -8.29 -1.66
CA TYR A 530 -29.80 -9.33 -1.02
C TYR A 530 -30.78 -10.24 -0.29
N GLU A 531 -30.93 -11.47 -0.78
CA GLU A 531 -31.98 -12.38 -0.31
C GLU A 531 -31.36 -13.72 0.07
N GLU A 532 -31.21 -13.96 1.36
CA GLU A 532 -30.71 -15.23 1.83
C GLU A 532 -31.78 -16.31 1.70
N THR A 533 -31.35 -17.51 1.36
CA THR A 533 -32.31 -18.58 1.09
C THR A 533 -31.83 -19.86 1.75
N THR A 534 -31.35 -19.76 2.99
CA THR A 534 -30.98 -20.93 3.78
C THR A 534 -32.19 -21.41 4.59
N GLU A 535 -32.61 -22.65 4.31
CA GLU A 535 -33.75 -23.38 4.91
C GLU A 535 -35.00 -23.18 4.07
N MET B 1 35.46 20.75 -25.17
CA MET B 1 35.15 19.82 -24.09
C MET B 1 34.00 18.93 -24.50
N LYS B 2 33.99 17.70 -24.02
CA LYS B 2 32.94 16.75 -24.33
C LYS B 2 31.89 16.73 -23.24
N ILE B 3 30.68 16.33 -23.61
CA ILE B 3 29.71 15.83 -22.63
C ILE B 3 30.17 14.43 -22.19
N THR B 4 30.23 14.20 -20.89
CA THR B 4 30.62 12.88 -20.38
C THR B 4 29.39 12.21 -19.78
N ASN B 5 29.02 11.01 -20.35
CA ASN B 5 27.78 10.38 -19.93
C ASN B 5 28.03 9.31 -18.87
N PRO B 6 27.10 9.09 -17.93
CA PRO B 6 25.85 9.85 -17.76
C PRO B 6 26.07 11.25 -17.19
N VAL B 7 25.27 12.23 -17.61
CA VAL B 7 25.40 13.56 -17.04
C VAL B 7 24.68 13.69 -15.69
N LEU B 8 23.69 12.84 -15.43
CA LEU B 8 23.09 12.76 -14.09
C LEU B 8 23.35 11.34 -13.61
N LYS B 9 24.18 11.20 -12.57
CA LYS B 9 24.58 9.89 -12.09
C LYS B 9 23.69 9.43 -10.96
N GLY B 10 23.57 8.10 -10.83
CA GLY B 10 22.61 7.57 -9.89
C GLY B 10 21.18 7.79 -10.39
N PHE B 11 20.24 7.47 -9.51
CA PHE B 11 18.81 7.43 -9.82
C PHE B 11 18.29 8.77 -10.35
N ASN B 12 18.12 8.87 -11.67
CA ASN B 12 17.68 10.07 -12.38
C ASN B 12 17.08 9.66 -13.72
N PRO B 13 15.93 8.99 -13.73
CA PRO B 13 15.39 8.45 -14.98
C PRO B 13 14.45 9.39 -15.70
N ASP B 14 14.02 8.95 -16.88
CA ASP B 14 12.99 9.62 -17.66
C ASP B 14 13.26 11.11 -17.89
N PRO B 15 14.39 11.47 -18.49
CA PRO B 15 14.72 12.90 -18.60
C PRO B 15 13.82 13.63 -19.59
N SER B 16 13.30 14.77 -19.16
CA SER B 16 12.50 15.65 -20.01
C SER B 16 13.28 16.95 -20.11
N ILE B 17 13.89 17.21 -21.26
CA ILE B 17 14.78 18.36 -21.43
C ILE B 17 14.01 19.50 -22.10
N CYS B 18 14.31 20.74 -21.68
CA CYS B 18 13.72 21.90 -22.34
C CYS B 18 14.67 23.07 -22.23
N ARG B 19 14.34 24.12 -22.98
CA ARG B 19 15.16 25.32 -23.11
C ARG B 19 14.31 26.54 -22.78
N ALA B 20 14.92 27.48 -22.07
CA ALA B 20 14.36 28.82 -21.90
C ALA B 20 15.52 29.78 -22.15
N GLY B 21 15.58 30.36 -23.34
CA GLY B 21 16.68 31.25 -23.64
C GLY B 21 17.99 30.49 -23.76
N GLU B 22 19.00 30.91 -23.01
CA GLU B 22 20.27 30.21 -22.96
C GLU B 22 20.37 29.29 -21.75
N ASP B 23 19.26 29.06 -21.06
CA ASP B 23 19.19 28.14 -19.93
C ASP B 23 18.56 26.82 -20.37
N TYR B 24 19.09 25.71 -19.86
CA TYR B 24 18.55 24.40 -20.17
C TYR B 24 18.17 23.68 -18.87
N TYR B 25 17.05 22.97 -18.92
CA TYR B 25 16.54 22.26 -17.75
C TYR B 25 16.18 20.83 -18.11
N MET B 26 16.39 19.91 -17.17
CA MET B 26 15.89 18.54 -17.31
C MET B 26 15.15 18.14 -16.04
N ALA B 27 13.92 17.66 -16.21
CA ALA B 27 13.16 17.05 -15.12
C ALA B 27 13.31 15.54 -15.21
N VAL B 28 13.45 14.90 -14.05
CA VAL B 28 13.53 13.45 -13.96
C VAL B 28 12.55 12.94 -12.90
N SER B 29 12.23 11.66 -13.01
CA SER B 29 11.22 11.03 -12.15
C SER B 29 11.81 10.69 -10.79
N THR B 30 10.92 10.60 -9.78
CA THR B 30 11.34 10.41 -8.40
C THR B 30 10.55 9.33 -7.66
N PHE B 31 9.45 8.86 -8.22
CA PHE B 31 8.66 7.73 -7.70
C PHE B 31 8.22 8.03 -6.27
N GLU B 32 8.52 7.18 -5.29
CA GLU B 32 8.00 7.40 -3.94
C GLU B 32 8.81 8.40 -3.13
N TRP B 33 9.93 8.89 -3.63
CA TRP B 33 10.80 9.78 -2.85
C TRP B 33 10.30 11.22 -2.90
N PHE B 34 10.31 11.87 -1.73
CA PHE B 34 9.71 13.17 -1.50
C PHE B 34 10.77 14.21 -1.08
N PRO B 35 10.66 15.47 -1.56
CA PRO B 35 9.70 16.04 -2.50
C PRO B 35 9.86 15.48 -3.92
N GLY B 36 8.87 15.70 -4.78
CA GLY B 36 8.78 15.02 -6.05
C GLY B 36 9.28 15.85 -7.22
N VAL B 37 9.84 15.13 -8.21
CA VAL B 37 10.49 15.63 -9.40
C VAL B 37 11.78 16.34 -9.01
N GLN B 38 12.85 16.01 -9.73
CA GLN B 38 14.10 16.76 -9.65
C GLN B 38 14.28 17.51 -10.96
N ILE B 39 14.61 18.80 -10.86
CA ILE B 39 14.90 19.61 -12.03
C ILE B 39 16.36 20.03 -11.94
N TYR B 40 17.13 19.72 -12.98
CA TYR B 40 18.52 20.13 -13.09
C TYR B 40 18.62 21.25 -14.11
N HIS B 41 19.70 22.04 -13.98
CA HIS B 41 19.91 23.24 -14.79
C HIS B 41 21.31 23.20 -15.40
N SER B 42 21.43 23.69 -16.63
CA SER B 42 22.71 23.75 -17.30
C SER B 42 22.73 24.93 -18.25
N LYS B 43 23.95 25.45 -18.50
CA LYS B 43 24.20 26.43 -19.56
C LYS B 43 25.09 25.87 -20.67
N ASP B 44 25.54 24.63 -20.56
CA ASP B 44 26.42 24.07 -21.59
C ASP B 44 26.12 22.64 -21.97
N LEU B 45 25.18 21.95 -21.30
CA LEU B 45 24.80 20.55 -21.48
C LEU B 45 25.86 19.59 -20.96
N ILE B 46 27.04 20.10 -20.60
CA ILE B 46 28.06 19.27 -19.97
C ILE B 46 27.79 19.15 -18.47
N HIS B 47 27.63 20.30 -17.80
CA HIS B 47 27.54 20.39 -16.35
C HIS B 47 26.11 20.70 -15.94
N TRP B 48 25.62 19.99 -14.93
CA TRP B 48 24.24 20.10 -14.47
C TRP B 48 24.22 20.28 -12.97
N ARG B 49 23.46 21.26 -12.49
CA ARG B 49 23.24 21.47 -11.07
C ARG B 49 21.81 21.08 -10.70
N LEU B 50 21.65 20.51 -9.52
CA LEU B 50 20.32 20.21 -8.99
C LEU B 50 19.68 21.52 -8.54
N ALA B 51 18.63 21.96 -9.24
CA ALA B 51 18.09 23.31 -9.05
C ALA B 51 16.79 23.36 -8.25
N ALA B 52 15.96 22.32 -8.33
CA ALA B 52 14.64 22.45 -7.72
C ALA B 52 13.99 21.08 -7.61
N ARG B 53 13.11 20.96 -6.62
CA ARG B 53 12.20 19.83 -6.50
C ARG B 53 10.81 20.42 -6.32
N PRO B 54 10.01 20.46 -7.39
CA PRO B 54 8.79 21.28 -7.39
C PRO B 54 7.71 20.81 -6.42
N LEU B 55 7.56 19.50 -6.22
CA LEU B 55 6.35 18.97 -5.58
C LEU B 55 6.64 18.81 -4.09
N GLN B 56 6.41 19.89 -3.35
CA GLN B 56 6.80 19.99 -1.96
C GLN B 56 5.66 19.87 -0.97
N LYS B 57 4.41 19.88 -1.44
CA LYS B 57 3.25 19.93 -0.58
C LYS B 57 2.34 18.73 -0.84
N THR B 58 1.73 18.21 0.22
CA THR B 58 0.78 17.12 0.07
C THR B 58 -0.41 17.52 -0.78
N SER B 59 -0.72 18.81 -0.87
CA SER B 59 -1.75 19.24 -1.80
C SER B 59 -1.36 19.00 -3.24
N GLN B 60 -0.06 19.00 -3.54
CA GLN B 60 0.46 18.63 -4.85
C GLN B 60 0.72 17.15 -5.00
N LEU B 61 1.10 16.47 -3.92
CA LEU B 61 1.61 15.11 -4.07
C LEU B 61 1.45 14.41 -2.73
N ASP B 62 0.49 13.49 -2.68
CA ASP B 62 0.14 12.79 -1.45
C ASP B 62 0.43 11.31 -1.70
N MET B 63 1.56 10.82 -1.22
CA MET B 63 2.01 9.47 -1.55
C MET B 63 2.05 8.53 -0.35
N LYS B 64 1.51 8.92 0.79
CA LYS B 64 1.49 7.99 1.91
C LYS B 64 0.80 6.69 1.48
N GLY B 65 1.46 5.56 1.70
CA GLY B 65 0.93 4.26 1.33
C GLY B 65 1.25 3.82 -0.09
N ASN B 66 1.82 4.70 -0.91
CA ASN B 66 2.05 4.34 -2.31
C ASN B 66 2.94 3.10 -2.40
N PRO B 67 2.75 2.28 -3.42
CA PRO B 67 3.63 1.12 -3.58
C PRO B 67 5.04 1.55 -3.91
N ASP B 68 5.98 0.64 -3.64
CA ASP B 68 7.36 0.83 -4.09
C ASP B 68 7.36 1.06 -5.59
N SER B 69 8.09 2.08 -6.01
CA SER B 69 8.15 2.53 -7.40
C SER B 69 6.77 2.91 -7.96
N GLY B 70 5.82 3.29 -7.11
CA GLY B 70 4.66 4.05 -7.53
C GLY B 70 5.00 5.52 -7.52
N GLY B 71 3.97 6.34 -7.37
CA GLY B 71 4.20 7.78 -7.25
C GLY B 71 4.58 8.44 -8.57
N VAL B 72 5.64 9.25 -8.53
CA VAL B 72 5.97 10.15 -9.63
C VAL B 72 6.77 9.38 -10.67
N TRP B 73 6.07 8.92 -11.71
CA TRP B 73 6.69 8.31 -12.87
C TRP B 73 7.27 9.39 -13.78
N ALA B 74 7.49 9.11 -15.06
CA ALA B 74 8.13 10.07 -15.95
C ALA B 74 7.38 11.40 -15.97
N PRO B 75 8.09 12.54 -15.84
CA PRO B 75 7.45 13.86 -15.91
C PRO B 75 7.70 14.54 -17.25
N CYS B 76 7.00 15.63 -17.51
CA CYS B 76 7.26 16.42 -18.71
C CYS B 76 7.41 17.88 -18.30
N LEU B 77 8.58 18.46 -18.54
CA LEU B 77 8.83 19.86 -18.21
C LEU B 77 8.94 20.64 -19.51
N SER B 78 8.22 21.76 -19.61
CA SER B 78 8.27 22.59 -20.79
C SER B 78 8.25 24.06 -20.37
N TYR B 79 8.63 24.91 -21.31
CA TYR B 79 8.65 26.36 -21.13
C TYR B 79 7.97 27.02 -22.31
N ALA B 80 6.92 27.79 -22.06
CA ALA B 80 6.17 28.46 -23.10
C ALA B 80 5.29 29.52 -22.46
N ASP B 81 4.99 30.56 -23.24
CA ASP B 81 4.15 31.66 -22.77
C ASP B 81 4.69 32.25 -21.46
N GLY B 82 6.00 32.32 -21.33
CA GLY B 82 6.62 32.94 -20.19
C GLY B 82 6.56 32.18 -18.89
N GLN B 83 6.23 30.88 -18.91
CA GLN B 83 6.19 30.12 -17.68
C GLN B 83 6.62 28.68 -17.93
N PHE B 84 7.00 28.00 -16.85
CA PHE B 84 7.30 26.58 -16.92
C PHE B 84 6.01 25.79 -16.68
N TRP B 85 5.88 24.68 -17.40
CA TRP B 85 4.77 23.76 -17.27
C TRP B 85 5.35 22.40 -16.88
N LEU B 86 4.81 21.81 -15.82
CA LEU B 86 5.23 20.49 -15.35
C LEU B 86 4.03 19.56 -15.33
N ILE B 87 4.12 18.47 -16.10
CA ILE B 87 3.11 17.42 -16.12
C ILE B 87 3.67 16.23 -15.36
N TYR B 88 2.93 15.74 -14.37
CA TYR B 88 3.42 14.63 -13.58
C TYR B 88 2.30 13.64 -13.31
N SER B 89 2.69 12.47 -12.79
CA SER B 89 1.77 11.41 -12.47
C SER B 89 1.91 11.04 -11.00
N ASP B 90 0.85 10.47 -10.44
CA ASP B 90 0.90 9.80 -9.15
C ASP B 90 0.32 8.41 -9.40
N ILE B 91 1.20 7.41 -9.54
CA ILE B 91 0.78 6.04 -9.86
C ILE B 91 0.51 5.29 -8.56
N LYS B 92 -0.71 4.71 -8.43
CA LYS B 92 -1.12 4.02 -7.21
C LYS B 92 -1.04 2.50 -7.31
N VAL B 93 -1.02 1.93 -8.52
CA VAL B 93 -1.00 0.48 -8.71
C VAL B 93 0.08 0.16 -9.74
N VAL B 94 1.01 -0.72 -9.39
CA VAL B 94 2.15 -0.94 -10.28
C VAL B 94 2.31 -2.42 -10.59
N ASP B 95 1.35 -3.25 -10.19
CA ASP B 95 1.39 -4.66 -10.52
C ASP B 95 -0.01 -5.16 -10.80
N GLY B 96 -0.10 -6.17 -11.66
CA GLY B 96 -1.37 -6.75 -12.02
C GLY B 96 -1.90 -6.19 -13.33
N PRO B 97 -3.17 -6.45 -13.61
CA PRO B 97 -3.75 -6.01 -14.88
C PRO B 97 -3.95 -4.50 -14.99
N PHE B 98 -4.06 -3.77 -13.89
CA PHE B 98 -4.32 -2.34 -13.94
C PHE B 98 -3.07 -1.53 -13.61
N LYS B 99 -3.10 -0.25 -13.94
CA LYS B 99 -2.02 0.67 -13.55
C LYS B 99 -2.63 1.99 -13.05
N ASP B 100 -3.52 1.88 -12.05
CA ASP B 100 -4.24 3.04 -11.57
C ASP B 100 -3.31 4.18 -11.20
N GLY B 101 -3.54 5.33 -11.82
CA GLY B 101 -2.69 6.50 -11.60
C GLY B 101 -3.28 7.70 -12.30
N HIS B 102 -2.85 8.87 -11.85
CA HIS B 102 -3.49 10.12 -12.25
C HIS B 102 -2.44 11.13 -12.68
N ASN B 103 -2.80 11.92 -13.70
CA ASN B 103 -1.89 12.87 -14.34
C ASN B 103 -2.35 14.29 -14.02
N TYR B 104 -1.38 15.16 -13.77
CA TYR B 104 -1.62 16.52 -13.26
C TYR B 104 -0.72 17.52 -13.97
N LEU B 105 -1.13 18.79 -13.91
CA LEU B 105 -0.38 19.91 -14.47
C LEU B 105 -0.16 20.96 -13.38
N VAL B 106 1.08 21.42 -13.20
CA VAL B 106 1.36 22.60 -12.39
C VAL B 106 2.25 23.55 -13.19
N THR B 107 2.21 24.83 -12.81
CA THR B 107 3.01 25.85 -13.47
C THR B 107 3.82 26.66 -12.45
N ALA B 108 4.81 27.37 -12.96
CA ALA B 108 5.65 28.26 -12.17
C ALA B 108 6.38 29.23 -13.09
N ASP B 109 6.71 30.41 -12.57
CA ASP B 109 7.52 31.37 -13.32
C ASP B 109 9.00 30.98 -13.36
N ALA B 110 9.49 30.30 -12.33
CA ALA B 110 10.87 29.82 -12.29
C ALA B 110 10.87 28.41 -11.70
N VAL B 111 11.85 27.60 -12.11
CA VAL B 111 11.82 26.20 -11.69
C VAL B 111 11.97 26.07 -10.19
N ASP B 112 12.72 26.98 -9.56
CA ASP B 112 12.92 26.93 -8.12
C ASP B 112 11.97 27.85 -7.36
N GLY B 113 10.91 28.32 -8.02
CA GLY B 113 9.89 29.10 -7.37
C GLY B 113 8.77 28.22 -6.81
N GLU B 114 7.70 28.89 -6.37
CA GLU B 114 6.53 28.19 -5.88
C GLU B 114 5.67 27.74 -7.05
N TRP B 115 5.31 26.47 -7.07
CA TRP B 115 4.51 25.90 -8.15
C TRP B 115 3.04 25.93 -7.78
N SER B 116 2.19 26.01 -8.81
CA SER B 116 0.76 26.10 -8.58
C SER B 116 0.23 24.82 -7.95
N ASP B 117 -1.06 24.85 -7.59
CA ASP B 117 -1.62 23.57 -7.21
C ASP B 117 -2.14 22.85 -8.45
N PRO B 118 -2.23 21.52 -8.42
CA PRO B 118 -2.41 20.78 -9.69
C PRO B 118 -3.78 20.94 -10.31
N VAL B 119 -3.78 20.91 -11.65
CA VAL B 119 -4.98 20.71 -12.45
C VAL B 119 -5.04 19.22 -12.79
N ARG B 120 -6.21 18.60 -12.62
CA ARG B 120 -6.41 17.22 -13.02
C ARG B 120 -6.48 17.13 -14.54
N LEU B 121 -5.72 16.20 -15.14
CA LEU B 121 -5.75 16.04 -16.59
C LEU B 121 -6.52 14.79 -16.97
N ASN B 122 -5.97 13.60 -16.74
CA ASN B 122 -6.65 12.34 -17.01
C ASN B 122 -5.97 11.25 -16.19
N SER B 123 -6.47 10.02 -16.35
CA SER B 123 -5.94 8.86 -15.65
C SER B 123 -5.68 7.69 -16.59
N SER B 124 -5.67 7.92 -17.90
CA SER B 124 -5.80 6.85 -18.88
C SER B 124 -4.49 6.14 -19.20
N GLY B 125 -3.38 6.56 -18.62
CA GLY B 125 -2.08 5.96 -18.87
C GLY B 125 -0.98 6.92 -18.47
N PHE B 126 0.22 6.38 -18.29
CA PHE B 126 1.31 7.16 -17.72
C PHE B 126 2.09 7.88 -18.83
N ASP B 127 3.21 8.50 -18.46
CA ASP B 127 4.05 9.31 -19.34
C ASP B 127 3.27 10.43 -20.01
N PRO B 128 2.51 11.22 -19.25
CA PRO B 128 1.81 12.35 -19.86
C PRO B 128 2.79 13.43 -20.27
N SER B 129 2.47 14.10 -21.37
CA SER B 129 3.37 15.12 -21.91
C SER B 129 2.54 16.28 -22.47
N LEU B 130 3.02 17.51 -22.29
CA LEU B 130 2.33 18.69 -22.77
C LEU B 130 3.05 19.23 -24.00
N PHE B 131 2.33 19.33 -25.11
CA PHE B 131 2.87 19.83 -26.37
C PHE B 131 2.25 21.20 -26.66
N HIS B 132 3.12 22.19 -26.93
CA HIS B 132 2.71 23.55 -27.24
C HIS B 132 2.73 23.67 -28.75
N ASP B 133 1.57 23.47 -29.37
CA ASP B 133 1.49 23.50 -30.82
C ASP B 133 1.82 24.92 -31.31
N PRO B 134 2.45 25.05 -32.48
CA PRO B 134 2.77 26.39 -33.00
C PRO B 134 1.55 27.30 -33.15
N SER B 135 0.36 26.73 -33.30
CA SER B 135 -0.86 27.53 -33.39
C SER B 135 -1.17 28.28 -32.10
N GLY B 136 -0.66 27.82 -30.96
CA GLY B 136 -1.08 28.29 -29.66
C GLY B 136 -1.97 27.32 -28.90
N LYS B 137 -2.57 26.37 -29.60
CA LYS B 137 -3.29 25.29 -28.94
C LYS B 137 -2.31 24.40 -28.17
N LYS B 138 -2.79 23.81 -27.09
CA LYS B 138 -2.02 22.89 -26.27
C LYS B 138 -2.63 21.50 -26.34
N TYR B 139 -1.78 20.48 -26.25
CA TYR B 139 -2.25 19.10 -26.31
C TYR B 139 -1.52 18.28 -25.26
N VAL B 140 -2.24 17.34 -24.65
CA VAL B 140 -1.65 16.36 -23.74
C VAL B 140 -1.54 15.02 -24.47
N LEU B 141 -0.35 14.45 -24.45
CA LEU B 141 -0.13 13.09 -24.92
C LEU B 141 0.11 12.17 -23.73
N ASN B 142 -0.33 10.92 -23.85
CA ASN B 142 0.09 9.89 -22.91
C ASN B 142 -0.12 8.53 -23.55
N MET B 143 0.50 7.51 -22.96
CA MET B 143 0.17 6.17 -23.41
C MET B 143 -1.19 5.78 -22.86
N LEU B 144 -1.86 4.85 -23.54
CA LEU B 144 -3.13 4.29 -23.04
C LEU B 144 -2.86 2.90 -22.46
N TRP B 145 -3.29 2.71 -21.22
CA TRP B 145 -3.08 1.43 -20.54
C TRP B 145 -4.31 0.56 -20.74
N ASP B 146 -4.13 -0.64 -21.30
CA ASP B 146 -5.23 -1.54 -21.61
C ASP B 146 -5.10 -2.77 -20.70
N HIS B 147 -6.02 -2.88 -19.74
CA HIS B 147 -6.03 -3.98 -18.78
C HIS B 147 -6.59 -5.27 -19.33
N ARG B 148 -7.24 -5.25 -20.48
CA ARG B 148 -8.02 -6.39 -20.90
C ARG B 148 -7.14 -7.59 -21.21
N GLU B 149 -7.66 -8.78 -20.90
CA GLU B 149 -6.83 -9.99 -20.95
C GLU B 149 -6.24 -10.21 -22.34
N LYS B 150 -7.03 -9.98 -23.38
CA LYS B 150 -6.64 -10.37 -24.73
C LYS B 150 -5.86 -9.30 -25.49
N HIS B 151 -5.56 -8.16 -24.88
CA HIS B 151 -4.87 -7.06 -25.55
C HIS B 151 -3.53 -6.78 -24.90
N HIS B 152 -2.55 -6.40 -25.72
CA HIS B 152 -1.32 -5.81 -25.21
C HIS B 152 -1.65 -4.57 -24.38
N SER B 153 -1.00 -4.46 -23.22
CA SER B 153 -1.31 -3.39 -22.27
C SER B 153 -0.95 -2.01 -22.80
N PHE B 154 -0.05 -1.92 -23.77
CA PHE B 154 0.37 -0.61 -24.27
C PHE B 154 -0.43 -0.38 -25.55
N ALA B 155 -1.57 0.28 -25.42
CA ALA B 155 -2.53 0.32 -26.51
C ALA B 155 -2.30 1.49 -27.46
N GLY B 156 -1.19 2.21 -27.33
CA GLY B 156 -0.89 3.29 -28.25
C GLY B 156 -0.85 4.63 -27.54
N ILE B 157 -0.64 5.67 -28.35
CA ILE B 157 -0.41 7.03 -27.88
C ILE B 157 -1.70 7.82 -28.03
N ALA B 158 -2.23 8.34 -26.91
CA ALA B 158 -3.42 9.18 -26.95
C ALA B 158 -3.04 10.65 -27.09
N LEU B 159 -3.87 11.40 -27.82
CA LEU B 159 -3.75 12.84 -27.98
C LEU B 159 -5.09 13.49 -27.63
N GLN B 160 -5.04 14.56 -26.82
CA GLN B 160 -6.26 15.32 -26.53
C GLN B 160 -5.88 16.75 -26.22
N GLU B 161 -6.66 17.69 -26.74
CA GLU B 161 -6.37 19.10 -26.53
C GLU B 161 -6.56 19.46 -25.06
N TYR B 162 -5.65 20.28 -24.53
CA TYR B 162 -5.78 20.86 -23.21
C TYR B 162 -6.23 22.32 -23.34
N SER B 163 -7.33 22.67 -22.69
CA SER B 163 -7.83 24.04 -22.72
C SER B 163 -7.22 24.81 -21.55
N VAL B 164 -6.38 25.80 -21.86
CA VAL B 164 -5.83 26.62 -20.80
C VAL B 164 -6.93 27.38 -20.07
N SER B 165 -7.96 27.80 -20.79
CA SER B 165 -8.96 28.67 -20.18
C SER B 165 -9.94 27.86 -19.34
N GLU B 166 -10.28 26.65 -19.77
CA GLU B 166 -11.17 25.78 -19.01
C GLU B 166 -10.43 24.92 -18.01
N LYS B 167 -9.10 24.86 -18.07
CA LYS B 167 -8.30 24.08 -17.12
C LYS B 167 -8.71 22.61 -17.13
N LYS B 168 -8.84 22.05 -18.33
CA LYS B 168 -9.26 20.67 -18.50
C LYS B 168 -8.94 20.23 -19.92
N LEU B 169 -8.87 18.91 -20.11
CA LEU B 169 -8.85 18.35 -21.45
C LEU B 169 -10.22 18.52 -22.08
N VAL B 170 -10.25 18.81 -23.38
CA VAL B 170 -11.52 19.07 -24.07
C VAL B 170 -11.62 18.19 -25.31
N GLY B 171 -12.82 18.15 -25.89
CA GLY B 171 -13.03 17.35 -27.08
C GLY B 171 -12.95 15.87 -26.77
N GLU B 172 -12.53 15.09 -27.76
CA GLU B 172 -12.33 13.66 -27.61
C GLU B 172 -10.87 13.31 -27.85
N ARG B 173 -10.37 12.36 -27.07
CA ARG B 173 -9.02 11.88 -27.29
C ARG B 173 -8.96 11.04 -28.56
N LYS B 174 -7.80 11.05 -29.19
CA LYS B 174 -7.55 10.25 -30.39
C LYS B 174 -6.29 9.44 -30.20
N VAL B 175 -6.31 8.19 -30.64
CA VAL B 175 -5.11 7.37 -30.69
C VAL B 175 -4.41 7.68 -32.01
N ILE B 176 -3.22 8.27 -31.94
CA ILE B 176 -2.55 8.78 -33.13
C ILE B 176 -1.42 7.85 -33.59
N PHE B 177 -1.05 6.87 -32.78
CA PHE B 177 0.12 6.05 -33.08
C PHE B 177 0.05 4.79 -32.22
N LYS B 178 0.21 3.63 -32.85
CA LYS B 178 0.15 2.36 -32.16
C LYS B 178 1.51 1.73 -31.94
N GLY B 179 2.58 2.33 -32.45
CA GLY B 179 3.91 1.79 -32.21
C GLY B 179 4.37 0.84 -33.29
N THR B 180 5.52 0.23 -33.03
CA THR B 180 6.18 -0.73 -33.93
C THR B 180 6.16 -2.11 -33.28
N PRO B 181 6.70 -3.16 -33.92
CA PRO B 181 6.72 -4.48 -33.26
C PRO B 181 7.54 -4.53 -31.95
N ILE B 182 8.37 -3.52 -31.67
CA ILE B 182 9.03 -3.49 -30.38
C ILE B 182 8.00 -3.36 -29.26
N LYS B 183 6.89 -2.65 -29.51
CA LYS B 183 5.77 -2.49 -28.59
C LYS B 183 6.18 -1.88 -27.25
N LEU B 184 5.32 -2.01 -26.23
CA LEU B 184 5.44 -1.23 -24.98
C LEU B 184 5.62 0.24 -25.28
N THR B 185 4.83 0.73 -26.25
CA THR B 185 4.98 2.10 -26.74
C THR B 185 4.53 3.11 -25.67
N GLU B 186 5.42 4.01 -25.30
CA GLU B 186 5.13 4.97 -24.24
C GLU B 186 6.00 6.20 -24.45
N ALA B 187 6.16 7.01 -23.41
CA ALA B 187 6.96 8.23 -23.45
C ALA B 187 6.72 9.12 -24.67
N PRO B 188 5.46 9.40 -25.06
CA PRO B 188 5.25 10.22 -26.25
C PRO B 188 5.67 11.67 -26.03
N HIS B 189 6.42 12.21 -26.98
CA HIS B 189 6.73 13.64 -27.01
C HIS B 189 6.59 14.12 -28.44
N LEU B 190 5.88 15.24 -28.64
CA LEU B 190 5.65 15.81 -29.96
C LEU B 190 6.56 17.01 -30.17
N TYR B 191 7.09 17.14 -31.39
CA TYR B 191 7.91 18.27 -31.80
C TYR B 191 7.43 18.76 -33.16
N TYR B 192 7.45 20.07 -33.37
CA TYR B 192 7.10 20.68 -34.64
C TYR B 192 8.39 21.27 -35.19
N ILE B 193 8.90 20.70 -36.28
CA ILE B 193 10.20 21.01 -36.83
C ILE B 193 10.04 21.18 -38.34
N ASN B 194 10.27 22.39 -38.83
CA ASN B 194 10.20 22.69 -40.28
C ASN B 194 8.88 22.21 -40.86
N ASP B 195 7.80 22.56 -40.18
CA ASP B 195 6.42 22.28 -40.60
C ASP B 195 6.10 20.79 -40.67
N VAL B 196 6.85 19.96 -39.95
CA VAL B 196 6.55 18.53 -39.84
C VAL B 196 6.44 18.18 -38.35
N TYR B 197 5.43 17.38 -38.00
CA TYR B 197 5.29 16.87 -36.65
C TYR B 197 6.11 15.59 -36.49
N TYR B 198 6.94 15.57 -35.46
CA TYR B 198 7.73 14.39 -35.11
C TYR B 198 7.24 13.87 -33.75
N LEU B 199 6.87 12.59 -33.71
CA LEU B 199 6.43 11.94 -32.50
C LEU B 199 7.54 10.99 -32.03
N LEU B 200 8.14 11.31 -30.90
CA LEU B 200 9.15 10.49 -30.26
C LEU B 200 8.47 9.62 -29.22
N THR B 201 8.83 8.34 -29.16
CA THR B 201 8.28 7.44 -28.16
C THR B 201 9.39 6.54 -27.65
N ALA B 202 9.14 5.91 -26.49
CA ALA B 202 9.95 4.80 -26.02
C ALA B 202 9.23 3.50 -26.33
N GLU B 203 10.01 2.45 -26.60
CA GLU B 203 9.45 1.11 -26.80
C GLU B 203 10.35 0.08 -26.16
N GLY B 204 9.79 -1.13 -25.97
CA GLY B 204 10.57 -2.26 -25.50
C GLY B 204 10.60 -2.44 -24.00
N GLY B 205 10.03 -1.51 -23.24
CA GLY B 205 10.15 -1.54 -21.79
C GLY B 205 11.49 -1.00 -21.34
N THR B 206 11.56 -0.65 -20.05
CA THR B 206 12.73 0.04 -19.52
C THR B 206 13.81 -0.93 -19.00
N ARG B 207 13.75 -2.21 -19.37
CA ARG B 207 14.90 -3.09 -19.12
C ARG B 207 15.78 -3.12 -20.38
N TYR B 208 16.28 -4.29 -20.76
CA TYR B 208 17.36 -4.25 -21.75
C TYR B 208 16.88 -4.20 -23.19
N GLU B 209 15.58 -4.31 -23.44
CA GLU B 209 15.01 -4.11 -24.77
C GLU B 209 14.62 -2.64 -25.04
N HIS B 210 14.92 -1.73 -24.12
CA HIS B 210 14.55 -0.31 -24.26
C HIS B 210 15.04 0.28 -25.57
N ALA B 211 14.21 1.14 -26.16
CA ALA B 211 14.54 1.85 -27.39
C ALA B 211 13.81 3.19 -27.42
N ALA B 212 14.32 4.09 -28.28
CA ALA B 212 13.61 5.30 -28.65
C ALA B 212 13.22 5.21 -30.12
N THR B 213 11.93 5.38 -30.39
CA THR B 213 11.33 5.31 -31.71
C THR B 213 10.92 6.71 -32.15
N ILE B 214 11.01 7.00 -33.44
CA ILE B 214 10.49 8.28 -33.92
C ILE B 214 9.71 8.08 -35.21
N ALA B 215 8.63 8.87 -35.37
CA ALA B 215 7.79 8.85 -36.55
C ALA B 215 7.45 10.30 -36.90
N ARG B 216 6.87 10.51 -38.08
CA ARG B 216 6.64 11.88 -38.51
C ARG B 216 5.37 11.96 -39.35
N SER B 217 4.78 13.16 -39.37
CA SER B 217 3.50 13.37 -40.02
C SER B 217 3.37 14.85 -40.37
N SER B 218 2.59 15.13 -41.41
CA SER B 218 2.30 16.52 -41.73
C SER B 218 1.16 17.07 -40.88
N ARG B 219 0.39 16.19 -40.22
CA ARG B 219 -0.72 16.57 -39.36
C ARG B 219 -0.50 16.02 -37.95
N ILE B 220 -0.98 16.76 -36.95
CA ILE B 220 -0.68 16.38 -35.57
C ILE B 220 -1.30 15.03 -35.22
N ASP B 221 -2.43 14.68 -35.84
CA ASP B 221 -3.11 13.45 -35.52
C ASP B 221 -2.79 12.32 -36.49
N GLY B 222 -1.75 12.48 -37.30
CA GLY B 222 -1.26 11.41 -38.13
C GLY B 222 -1.97 11.31 -39.46
N PRO B 223 -1.78 10.18 -40.19
CA PRO B 223 -0.95 9.05 -39.74
C PRO B 223 0.54 9.38 -39.73
N TYR B 224 1.25 8.72 -38.83
CA TYR B 224 2.68 8.90 -38.64
C TYR B 224 3.42 7.78 -39.34
N GLU B 225 4.48 8.11 -40.06
CA GLU B 225 5.34 7.10 -40.68
C GLU B 225 6.61 6.95 -39.84
N VAL B 226 7.03 5.71 -39.65
CA VAL B 226 8.14 5.42 -38.75
C VAL B 226 9.49 5.62 -39.47
N HIS B 227 10.47 6.07 -38.70
CA HIS B 227 11.84 6.27 -39.16
C HIS B 227 12.33 5.03 -39.92
N PRO B 228 13.00 5.20 -41.06
CA PRO B 228 13.40 4.02 -41.86
C PRO B 228 14.43 3.13 -41.18
N ASP B 229 15.29 3.69 -40.32
CA ASP B 229 16.25 2.91 -39.55
C ASP B 229 15.87 2.90 -38.06
N ASN B 230 14.58 2.75 -37.78
CA ASN B 230 14.09 2.70 -36.41
C ASN B 230 14.58 1.43 -35.70
N PRO B 231 14.85 1.50 -34.39
CA PRO B 231 14.81 2.65 -33.49
C PRO B 231 16.03 3.54 -33.66
N ILE B 232 15.93 4.81 -33.27
CA ILE B 232 17.10 5.68 -33.39
C ILE B 232 18.05 5.51 -32.23
N LEU B 233 17.60 4.92 -31.12
CA LEU B 233 18.44 4.72 -29.95
C LEU B 233 18.08 3.38 -29.32
N THR B 234 19.07 2.52 -29.10
CA THR B 234 18.90 1.26 -28.38
C THR B 234 20.26 0.60 -28.23
N ALA B 235 20.41 -0.15 -27.13
CA ALA B 235 21.53 -1.06 -26.95
C ALA B 235 21.06 -2.50 -26.85
N PHE B 236 19.84 -2.79 -27.30
CA PHE B 236 19.28 -4.14 -27.15
C PHE B 236 20.18 -5.17 -27.82
N HIS B 237 20.69 -4.86 -29.00
CA HIS B 237 21.50 -5.76 -29.80
C HIS B 237 22.95 -5.82 -29.35
N ALA B 238 23.36 -4.99 -28.39
CA ALA B 238 24.76 -4.83 -27.99
C ALA B 238 24.95 -5.02 -26.50
N PRO B 239 24.91 -6.27 -26.01
CA PRO B 239 24.96 -6.49 -24.56
C PRO B 239 26.21 -5.99 -23.87
N SER B 240 27.33 -5.85 -24.58
CA SER B 240 28.55 -5.43 -23.92
C SER B 240 28.73 -3.92 -23.91
N HIS B 241 27.83 -3.18 -24.54
CA HIS B 241 27.94 -1.72 -24.59
C HIS B 241 27.83 -1.14 -23.18
N PRO B 242 28.67 -0.15 -22.84
CA PRO B 242 28.66 0.38 -21.47
C PRO B 242 27.39 1.11 -21.09
N LEU B 243 26.59 1.53 -22.07
CA LEU B 243 25.29 2.15 -21.81
C LEU B 243 24.20 1.19 -22.23
N GLN B 244 23.31 0.85 -21.30
CA GLN B 244 22.24 -0.10 -21.54
C GLN B 244 20.90 0.57 -21.29
N LYS B 245 19.81 -0.12 -21.68
CA LYS B 245 18.45 0.35 -21.43
C LYS B 245 18.21 1.74 -22.01
N CYS B 246 18.79 1.99 -23.18
CA CYS B 246 18.82 3.33 -23.74
C CYS B 246 17.47 3.65 -24.37
N GLY B 247 16.71 4.53 -23.72
CA GLY B 247 15.39 4.87 -24.20
C GLY B 247 14.79 5.97 -23.34
N HIS B 248 13.49 6.20 -23.56
CA HIS B 248 12.74 7.29 -22.92
C HIS B 248 13.45 8.63 -23.09
N ALA B 249 13.49 9.07 -24.34
CA ALA B 249 14.28 10.21 -24.75
C ALA B 249 13.43 11.47 -24.85
N SER B 250 14.10 12.62 -24.88
CA SER B 250 13.47 13.88 -25.24
C SER B 250 14.51 14.70 -26.01
N ILE B 251 14.02 15.57 -26.90
CA ILE B 251 14.86 16.30 -27.86
C ILE B 251 14.89 17.78 -27.50
N VAL B 252 16.06 18.40 -27.63
CA VAL B 252 16.16 19.86 -27.51
C VAL B 252 16.96 20.40 -28.68
N GLN B 253 16.47 21.49 -29.28
CA GLN B 253 17.22 22.30 -30.22
C GLN B 253 17.82 23.47 -29.44
N THR B 254 19.14 23.58 -29.45
CA THR B 254 19.81 24.59 -28.65
C THR B 254 19.67 25.95 -29.30
N HIS B 255 20.00 27.00 -28.52
CA HIS B 255 20.02 28.35 -29.09
C HIS B 255 21.18 28.53 -30.07
N THR B 256 22.10 27.57 -30.11
CA THR B 256 23.20 27.53 -31.08
C THR B 256 22.83 26.75 -32.34
N ASN B 257 21.56 26.38 -32.48
CA ASN B 257 21.08 25.64 -33.65
C ASN B 257 21.71 24.26 -33.76
N GLU B 258 21.83 23.57 -32.63
CA GLU B 258 22.32 22.21 -32.58
C GLU B 258 21.25 21.34 -31.92
N TRP B 259 21.33 20.03 -32.14
CA TRP B 259 20.27 19.12 -31.73
C TRP B 259 20.81 18.04 -30.82
N TYR B 260 20.12 17.81 -29.69
CA TYR B 260 20.58 16.86 -28.69
C TYR B 260 19.42 16.02 -28.17
N LEU B 261 19.76 14.84 -27.65
CA LEU B 261 18.80 13.82 -27.25
C LEU B 261 19.15 13.35 -25.83
N ALA B 262 18.31 13.71 -24.86
CA ALA B 262 18.45 13.22 -23.50
C ALA B 262 17.75 11.87 -23.39
N HIS B 263 18.34 10.94 -22.65
CA HIS B 263 17.68 9.64 -22.48
C HIS B 263 18.14 9.01 -21.17
N LEU B 264 17.38 8.04 -20.69
CA LEU B 264 17.84 7.26 -19.55
C LEU B 264 18.71 6.10 -20.02
N THR B 265 19.52 5.59 -19.10
CA THR B 265 20.45 4.50 -19.37
C THR B 265 20.83 3.86 -18.05
N GLY B 266 21.12 2.57 -18.09
CA GLY B 266 21.67 1.86 -16.94
C GLY B 266 23.10 1.44 -17.22
N ARG B 267 23.93 1.43 -16.17
CA ARG B 267 25.31 0.98 -16.25
C ARG B 267 25.44 -0.29 -15.40
N PRO B 268 25.31 -1.47 -15.99
CA PRO B 268 25.21 -2.69 -15.18
C PRO B 268 26.54 -3.25 -14.69
N ILE B 269 26.49 -3.86 -13.51
CA ILE B 269 27.52 -4.77 -13.02
C ILE B 269 27.18 -6.18 -13.51
N HIS B 270 28.15 -6.86 -14.09
CA HIS B 270 27.90 -8.18 -14.66
C HIS B 270 28.43 -9.29 -13.77
N SER B 271 27.94 -10.49 -14.01
CA SER B 271 28.44 -11.68 -13.33
C SER B 271 29.39 -12.44 -14.24
N SER B 272 30.57 -12.75 -13.73
CA SER B 272 31.56 -13.42 -14.56
C SER B 272 31.18 -14.85 -14.89
N LYS B 273 30.26 -15.45 -14.15
CA LYS B 273 29.86 -16.83 -14.39
C LYS B 273 28.63 -16.93 -15.27
N GLU B 274 28.07 -15.81 -15.71
CA GLU B 274 26.95 -15.81 -16.62
C GLU B 274 27.37 -15.20 -17.95
N SER B 275 26.60 -15.50 -18.99
CA SER B 275 26.71 -14.79 -20.25
C SER B 275 25.99 -13.45 -20.14
N ILE B 276 26.66 -12.38 -20.57
CA ILE B 276 26.01 -11.08 -20.62
C ILE B 276 24.87 -11.05 -21.62
N PHE B 277 24.84 -12.00 -22.56
CA PHE B 277 23.72 -12.06 -23.49
C PHE B 277 22.47 -12.63 -22.83
N GLN B 278 22.62 -13.41 -21.76
CA GLN B 278 21.48 -13.96 -21.03
C GLN B 278 21.19 -13.21 -19.74
N GLN B 279 22.23 -12.80 -19.03
CA GLN B 279 22.11 -12.04 -17.78
C GLN B 279 22.74 -10.69 -18.06
N ARG B 280 21.91 -9.72 -18.45
CA ARG B 280 22.42 -8.45 -18.96
C ARG B 280 23.03 -7.55 -17.89
N GLY B 281 22.81 -7.83 -16.60
CA GLY B 281 23.50 -7.11 -15.55
C GLY B 281 22.55 -6.51 -14.52
N TRP B 282 23.17 -5.99 -13.45
CA TRP B 282 22.46 -5.38 -12.33
C TRP B 282 22.95 -3.94 -12.15
N CYS B 283 22.02 -3.01 -11.97
CA CYS B 283 22.32 -1.58 -11.89
C CYS B 283 21.97 -0.98 -10.52
N PRO B 284 22.89 -0.99 -9.55
CA PRO B 284 22.59 -0.36 -8.25
C PRO B 284 22.43 1.15 -8.33
N LEU B 285 22.99 1.80 -9.35
CA LEU B 285 22.75 3.23 -9.53
C LEU B 285 21.46 3.49 -10.31
N GLY B 286 20.69 2.46 -10.59
CA GLY B 286 19.39 2.67 -11.20
C GLY B 286 19.52 3.13 -12.64
N ARG B 287 18.54 3.91 -13.08
CA ARG B 287 18.53 4.50 -14.41
C ARG B 287 18.99 5.95 -14.32
N GLU B 288 20.07 6.26 -15.03
CA GLU B 288 20.73 7.56 -15.02
C GLU B 288 20.37 8.30 -16.30
N THR B 289 20.82 9.54 -16.43
CA THR B 289 20.50 10.35 -17.62
C THR B 289 21.76 10.61 -18.42
N ALA B 290 21.66 10.42 -19.73
CA ALA B 290 22.75 10.67 -20.66
C ALA B 290 22.24 11.58 -21.78
N ILE B 291 23.16 12.24 -22.45
CA ILE B 291 22.82 13.11 -23.56
C ILE B 291 23.61 12.70 -24.80
N GLN B 292 22.91 12.54 -25.93
CA GLN B 292 23.51 12.24 -27.22
C GLN B 292 23.34 13.43 -28.14
N LYS B 293 24.18 13.48 -29.16
CA LYS B 293 24.06 14.50 -30.20
C LYS B 293 23.30 13.91 -31.39
N LEU B 294 22.49 14.73 -32.04
CA LEU B 294 21.74 14.33 -33.23
C LEU B 294 22.28 15.03 -34.48
N GLU B 295 22.13 14.34 -35.61
CA GLU B 295 22.36 14.91 -36.92
C GLU B 295 21.15 14.56 -37.78
N TRP B 296 20.88 15.39 -38.77
CA TRP B 296 19.70 15.23 -39.61
C TRP B 296 20.11 14.79 -41.00
N LYS B 297 19.32 13.90 -41.61
CA LYS B 297 19.48 13.56 -43.02
C LYS B 297 18.12 13.19 -43.60
N ASP B 298 17.75 13.85 -44.69
CA ASP B 298 16.48 13.55 -45.38
C ASP B 298 15.27 13.69 -44.45
N GLY B 299 15.33 14.66 -43.54
CA GLY B 299 14.24 14.92 -42.61
C GLY B 299 14.09 13.93 -41.48
N TRP B 300 15.07 13.05 -41.27
CA TRP B 300 15.10 12.13 -40.14
C TRP B 300 16.32 12.41 -39.27
N PRO B 301 16.19 12.33 -37.94
CA PRO B 301 17.36 12.50 -37.09
C PRO B 301 18.05 11.18 -36.85
N TYR B 302 19.35 11.26 -36.57
CA TYR B 302 20.18 10.09 -36.28
C TYR B 302 21.07 10.41 -35.09
N VAL B 303 21.31 9.41 -34.24
CA VAL B 303 22.21 9.60 -33.11
C VAL B 303 23.66 9.54 -33.59
N VAL B 304 24.42 10.59 -33.28
CA VAL B 304 25.82 10.65 -33.68
C VAL B 304 26.59 9.54 -32.98
N GLY B 305 27.27 8.71 -33.78
CA GLY B 305 28.05 7.61 -33.27
C GLY B 305 27.39 6.26 -33.34
N GLY B 306 26.14 6.18 -33.77
CA GLY B 306 25.38 4.95 -33.78
C GLY B 306 24.28 4.97 -32.72
N LYS B 307 23.33 4.04 -32.86
CA LYS B 307 22.16 4.12 -31.99
C LYS B 307 22.44 3.67 -30.56
N GLU B 308 23.61 3.11 -30.28
CA GLU B 308 23.92 2.63 -28.94
C GLU B 308 24.19 3.78 -27.95
N GLY B 309 24.60 4.94 -28.45
CA GLY B 309 24.98 6.06 -27.58
C GLY B 309 26.47 6.02 -27.23
N LEU B 310 27.02 7.20 -27.00
CA LEU B 310 28.44 7.38 -26.70
C LEU B 310 28.65 7.74 -25.23
N LEU B 311 29.81 7.36 -24.70
CA LEU B 311 30.19 7.83 -23.37
C LEU B 311 30.64 9.28 -23.42
N GLU B 312 31.32 9.68 -24.50
CA GLU B 312 31.81 11.04 -24.68
C GLU B 312 31.16 11.63 -25.93
N VAL B 313 30.41 12.72 -25.75
CA VAL B 313 29.58 13.30 -26.78
C VAL B 313 30.07 14.71 -27.10
N GLU B 314 30.01 15.09 -28.37
CA GLU B 314 30.44 16.43 -28.79
C GLU B 314 29.51 17.49 -28.19
N ALA B 315 30.05 18.35 -27.34
CA ALA B 315 29.29 19.36 -26.65
C ALA B 315 28.90 20.50 -27.59
N PRO B 316 27.80 21.21 -27.29
CA PRO B 316 27.38 22.33 -28.14
C PRO B 316 28.33 23.52 -28.01
N ALA B 317 28.17 24.46 -28.94
CA ALA B 317 29.07 25.62 -29.03
C ALA B 317 28.65 26.69 -28.02
N MET B 318 28.93 26.40 -26.74
CA MET B 318 28.60 27.29 -25.64
C MET B 318 29.80 27.41 -24.70
N SER B 319 29.84 28.54 -23.97
CA SER B 319 30.84 28.69 -22.91
C SER B 319 30.59 27.65 -21.83
N VAL B 320 31.66 26.98 -21.40
CA VAL B 320 31.53 26.01 -20.32
C VAL B 320 31.14 26.74 -19.05
N LYS B 321 30.23 26.16 -18.26
CA LYS B 321 29.85 26.72 -16.97
C LYS B 321 29.71 25.58 -15.97
N GLU B 322 30.75 25.39 -15.16
CA GLU B 322 30.66 24.52 -14.00
C GLU B 322 30.01 25.26 -12.84
N PHE B 323 29.27 24.52 -12.03
CA PHE B 323 28.49 25.07 -10.93
C PHE B 323 29.12 24.75 -9.57
N SER B 324 28.83 25.63 -8.62
CA SER B 324 29.16 25.38 -7.22
C SER B 324 28.53 24.07 -6.76
N PRO B 325 29.17 23.35 -5.83
CA PRO B 325 28.56 22.13 -5.29
C PRO B 325 27.26 22.44 -4.56
N THR B 326 26.34 21.47 -4.57
CA THR B 326 25.04 21.66 -3.94
C THR B 326 24.83 20.78 -2.71
N TYR B 327 25.84 20.02 -2.29
CA TYR B 327 25.80 19.34 -1.02
C TYR B 327 27.15 19.46 -0.33
N HIS B 328 27.14 19.37 0.98
CA HIS B 328 28.36 19.30 1.76
C HIS B 328 28.89 17.88 1.76
N ILE B 329 30.19 17.73 1.48
CA ILE B 329 30.83 16.43 1.63
C ILE B 329 30.67 15.94 3.07
N VAL B 330 30.82 16.85 4.03
CA VAL B 330 30.46 16.57 5.42
C VAL B 330 29.39 17.57 5.80
N ASP B 331 28.15 17.08 5.90
CA ASP B 331 27.02 17.93 6.30
C ASP B 331 26.94 17.92 7.81
N GLU B 332 27.09 19.10 8.41
CA GLU B 332 27.07 19.25 9.85
C GLU B 332 25.72 19.74 10.37
N PHE B 333 24.70 19.78 9.51
CA PHE B 333 23.33 20.17 9.88
C PHE B 333 23.26 21.54 10.53
N LYS B 334 23.92 22.51 9.89
CA LYS B 334 23.85 23.89 10.34
C LYS B 334 22.69 24.66 9.70
N ASP B 335 22.10 24.13 8.64
CA ASP B 335 21.06 24.82 7.89
C ASP B 335 19.69 24.55 8.49
N SER B 336 18.77 25.49 8.27
CA SER B 336 17.41 25.41 8.77
C SER B 336 16.54 24.45 7.97
N SER B 337 17.04 23.94 6.84
CA SER B 337 16.35 22.95 6.04
C SER B 337 17.33 21.85 5.66
N LEU B 338 16.79 20.66 5.40
CA LEU B 338 17.62 19.56 4.92
C LEU B 338 18.15 19.86 3.54
N ASN B 339 19.43 19.58 3.34
CA ASN B 339 20.05 19.80 2.04
C ASN B 339 19.25 19.12 0.93
N ARG B 340 19.26 19.74 -0.24
CA ARG B 340 18.41 19.35 -1.36
C ARG B 340 18.73 17.98 -1.94
N HIS B 341 19.83 17.34 -1.56
CA HIS B 341 20.09 15.97 -2.01
C HIS B 341 19.50 14.94 -1.06
N PHE B 342 18.96 15.37 0.07
CA PHE B 342 18.25 14.46 0.95
C PHE B 342 16.79 14.39 0.55
N GLN B 343 16.24 13.17 0.58
CA GLN B 343 14.80 12.99 0.44
C GLN B 343 14.31 12.06 1.55
N THR B 344 12.99 12.09 1.74
CA THR B 344 12.26 11.18 2.61
C THR B 344 11.35 10.32 1.76
N LEU B 345 10.90 9.20 2.33
CA LEU B 345 9.98 8.32 1.62
C LEU B 345 8.56 8.84 1.75
N ARG B 346 7.94 9.19 0.62
CA ARG B 346 6.50 9.36 0.49
C ARG B 346 5.92 10.63 1.11
N ILE B 347 6.36 11.02 2.30
CA ILE B 347 5.73 12.08 3.09
C ILE B 347 6.73 13.22 3.27
N PRO B 348 6.24 14.43 3.52
CA PRO B 348 7.14 15.55 3.81
C PRO B 348 7.91 15.33 5.10
N PHE B 349 9.05 16.01 5.18
CA PHE B 349 9.81 16.04 6.42
C PHE B 349 9.16 17.05 7.36
N THR B 350 8.52 16.58 8.43
CA THR B 350 7.91 17.44 9.44
C THR B 350 8.30 16.89 10.81
N ASP B 351 7.84 17.55 11.88
CA ASP B 351 8.21 16.99 13.18
C ASP B 351 7.47 15.69 13.50
N GLN B 352 6.59 15.21 12.62
CA GLN B 352 6.17 13.82 12.74
C GLN B 352 7.39 12.88 12.71
N ILE B 353 8.41 13.21 11.93
CA ILE B 353 9.55 12.30 11.81
C ILE B 353 10.88 12.91 12.23
N GLY B 354 11.04 14.23 12.27
CA GLY B 354 12.37 14.72 12.55
C GLY B 354 12.42 16.23 12.68
N SER B 355 13.61 16.73 12.99
CA SER B 355 13.81 18.16 13.14
C SER B 355 15.30 18.49 13.01
N VAL B 356 15.59 19.61 12.35
CA VAL B 356 16.94 20.17 12.33
C VAL B 356 17.09 21.35 13.29
N THR B 357 16.04 21.72 14.02
CA THR B 357 16.13 22.82 14.97
C THR B 357 16.10 22.39 16.43
N GLU B 358 15.47 21.25 16.75
CA GLU B 358 15.24 20.90 18.15
C GLU B 358 16.56 20.66 18.89
N ASN B 359 17.52 20.00 18.25
CA ASN B 359 18.87 19.83 18.78
C ASN B 359 19.83 20.43 17.76
N PRO B 360 20.21 21.69 17.92
CA PRO B 360 21.02 22.38 16.89
C PRO B 360 22.27 21.59 16.51
N HIS B 361 22.60 21.65 15.22
CA HIS B 361 23.76 20.99 14.62
C HIS B 361 23.64 19.47 14.63
N HIS B 362 22.41 18.96 14.74
CA HIS B 362 22.12 17.55 14.57
C HIS B 362 20.84 17.42 13.76
N LEU B 363 20.74 16.31 13.03
CA LEU B 363 19.46 15.86 12.49
C LEU B 363 18.85 14.94 13.53
N ARG B 364 17.77 15.36 14.16
CA ARG B 364 17.06 14.52 15.11
C ARG B 364 15.96 13.79 14.37
N LEU B 365 15.89 12.47 14.55
CA LEU B 365 14.85 11.65 13.94
C LEU B 365 14.05 10.99 15.05
N TYR B 366 12.74 11.25 15.08
CA TYR B 366 11.85 10.60 16.02
C TYR B 366 11.49 9.22 15.50
N GLY B 367 11.85 8.19 16.26
CA GLY B 367 11.66 6.82 15.86
C GLY B 367 10.23 6.51 15.47
N GLN B 368 10.04 6.02 14.24
CA GLN B 368 8.69 5.71 13.77
C GLN B 368 8.68 4.29 13.24
N GLU B 369 8.13 4.07 12.05
CA GLU B 369 7.89 2.71 11.56
C GLU B 369 9.14 2.12 10.91
N SER B 370 9.16 0.79 10.79
CA SER B 370 10.30 0.06 10.24
C SER B 370 10.54 0.39 8.77
N LEU B 371 11.71 -0.05 8.27
CA LEU B 371 12.08 0.16 6.87
C LEU B 371 11.17 -0.59 5.90
N THR B 372 10.27 -1.45 6.39
CA THR B 372 9.35 -2.15 5.51
C THR B 372 8.02 -1.43 5.33
N SER B 373 7.81 -0.29 6.00
CA SER B 373 6.51 0.38 5.96
C SER B 373 6.42 1.38 4.82
N LYS B 374 5.31 1.33 4.08
CA LYS B 374 5.04 2.31 3.05
C LYS B 374 4.30 3.55 3.59
N PHE B 375 4.34 3.79 4.91
CA PHE B 375 3.57 4.89 5.46
C PHE B 375 4.47 5.95 6.10
N THR B 376 4.90 5.79 7.34
CA THR B 376 5.63 6.85 8.05
C THR B 376 6.96 6.35 8.56
N GLN B 377 8.04 6.64 7.81
CA GLN B 377 9.39 6.25 8.20
C GLN B 377 10.22 7.49 8.52
N ALA B 378 10.92 7.46 9.65
CA ALA B 378 11.88 8.53 9.99
C ALA B 378 13.21 8.16 9.37
N PHE B 379 13.34 8.47 8.09
CA PHE B 379 14.45 7.99 7.26
C PHE B 379 14.78 9.10 6.27
N VAL B 380 16.01 9.60 6.32
CA VAL B 380 16.46 10.70 5.46
C VAL B 380 17.67 10.20 4.69
N ALA B 381 17.60 10.25 3.35
CA ALA B 381 18.59 9.53 2.55
C ALA B 381 18.91 10.27 1.28
N ARG B 382 20.00 9.85 0.63
CA ARG B 382 20.47 10.42 -0.62
C ARG B 382 20.98 9.30 -1.51
N ARG B 383 21.04 9.57 -2.82
CA ARG B 383 21.33 8.54 -3.81
C ARG B 383 22.80 8.09 -3.78
N TRP B 384 23.01 6.79 -3.95
CA TRP B 384 24.29 6.33 -4.48
C TRP B 384 24.50 6.98 -5.83
N GLN B 385 25.62 7.71 -6.01
CA GLN B 385 25.89 8.31 -7.31
C GLN B 385 27.27 7.94 -7.84
N SER B 386 27.92 6.95 -7.24
CA SER B 386 29.16 6.40 -7.79
C SER B 386 29.27 4.95 -7.34
N PHE B 387 30.04 4.17 -8.11
CA PHE B 387 30.32 2.79 -7.71
C PHE B 387 31.32 2.70 -6.58
N TYR B 388 32.04 3.78 -6.29
CA TYR B 388 33.03 3.80 -5.22
C TYR B 388 32.81 5.04 -4.37
N PHE B 389 32.47 4.83 -3.09
CA PHE B 389 32.32 5.96 -2.18
C PHE B 389 32.32 5.43 -0.76
N GLU B 390 32.43 6.37 0.19
CA GLU B 390 32.18 6.09 1.60
C GLU B 390 31.07 7.02 2.07
N ALA B 391 30.27 6.53 3.00
CA ALA B 391 29.30 7.35 3.70
C ALA B 391 29.42 7.08 5.19
N GLU B 392 29.16 8.12 5.98
CA GLU B 392 29.48 8.04 7.40
C GLU B 392 28.55 8.94 8.19
N THR B 393 28.19 8.49 9.39
CA THR B 393 27.40 9.31 10.28
C THR B 393 27.83 9.01 11.71
N ALA B 394 27.31 9.79 12.65
CA ALA B 394 27.57 9.58 14.06
C ALA B 394 26.27 9.81 14.80
N VAL B 395 25.85 8.86 15.62
CA VAL B 395 24.51 8.88 16.17
C VAL B 395 24.57 8.81 17.69
N SER B 396 23.81 9.71 18.32
CA SER B 396 23.51 9.66 19.75
C SER B 396 22.14 9.03 19.90
N PHE B 397 22.07 7.86 20.52
CA PHE B 397 20.82 7.11 20.63
C PHE B 397 20.91 6.19 21.83
N PHE B 398 19.97 6.29 22.75
CA PHE B 398 19.99 5.50 23.98
C PHE B 398 18.69 4.71 24.09
N PRO B 399 18.56 3.64 23.31
CA PRO B 399 17.32 2.84 23.33
C PRO B 399 17.18 2.08 24.63
N LYS B 400 15.93 1.88 25.04
CA LYS B 400 15.59 1.18 26.26
C LYS B 400 14.84 -0.12 26.04
N ASN B 401 14.48 -0.46 24.80
CA ASN B 401 13.87 -1.75 24.51
C ASN B 401 14.22 -2.14 23.08
N PHE B 402 14.02 -3.43 22.78
CA PHE B 402 14.48 -4.01 21.51
C PHE B 402 13.71 -3.49 20.31
N GLN B 403 12.61 -2.77 20.51
CA GLN B 403 11.84 -2.21 19.40
C GLN B 403 12.34 -0.84 18.98
N GLN B 404 13.47 -0.39 19.53
CA GLN B 404 14.06 0.89 19.17
C GLN B 404 15.42 0.66 18.53
N ALA B 405 15.63 1.27 17.36
CA ALA B 405 16.89 1.11 16.65
C ALA B 405 17.12 2.31 15.75
N ALA B 406 18.38 2.70 15.61
CA ALA B 406 18.74 3.84 14.79
C ALA B 406 20.15 3.67 14.25
N GLY B 407 20.35 4.12 13.01
CA GLY B 407 21.67 4.16 12.43
C GLY B 407 21.73 4.43 10.94
N LEU B 408 22.58 3.67 10.25
CA LEU B 408 22.96 3.90 8.87
C LEU B 408 22.36 2.81 7.99
N VAL B 409 21.75 3.21 6.87
CA VAL B 409 20.94 2.33 6.04
C VAL B 409 21.35 2.47 4.58
N ASN B 410 21.44 1.34 3.89
CA ASN B 410 21.46 1.33 2.42
C ASN B 410 20.21 0.64 1.92
N TYR B 411 19.52 1.29 0.99
CA TYR B 411 18.10 1.00 0.80
C TYR B 411 17.74 1.07 -0.68
N TYR B 412 16.94 0.10 -1.14
CA TYR B 412 16.31 0.18 -2.45
C TYR B 412 14.81 0.40 -2.33
N ASN B 413 14.10 -0.50 -1.64
CA ASN B 413 12.66 -0.36 -1.41
C ASN B 413 12.34 -1.04 -0.09
N THR B 414 11.05 -1.07 0.26
CA THR B 414 10.68 -1.55 1.58
C THR B 414 11.05 -3.01 1.81
N GLU B 415 11.31 -3.77 0.75
CA GLU B 415 11.69 -5.18 0.84
C GLU B 415 13.17 -5.42 0.71
N ASN B 416 13.97 -4.38 0.45
CA ASN B 416 15.35 -4.56 0.04
C ASN B 416 16.22 -3.46 0.62
N TRP B 417 16.93 -3.79 1.70
CA TRP B 417 17.76 -2.82 2.38
C TRP B 417 18.65 -3.58 3.36
N THR B 418 19.72 -2.91 3.80
CA THR B 418 20.49 -3.35 4.95
C THR B 418 20.65 -2.18 5.89
N ALA B 419 20.85 -2.48 7.17
CA ALA B 419 20.87 -1.42 8.17
C ALA B 419 21.82 -1.80 9.30
N LEU B 420 22.66 -0.85 9.68
CA LEU B 420 23.57 -0.98 10.83
C LEU B 420 23.06 -0.04 11.91
N GLN B 421 22.51 -0.59 12.99
CA GLN B 421 21.73 0.22 13.93
C GLN B 421 22.11 -0.05 15.37
N VAL B 422 22.12 1.03 16.16
CA VAL B 422 22.19 0.95 17.61
C VAL B 422 20.83 0.53 18.12
N THR B 423 20.78 -0.56 18.88
CA THR B 423 19.52 -1.03 19.45
C THR B 423 19.81 -1.51 20.86
N TYR B 424 18.84 -2.16 21.48
CA TYR B 424 18.95 -2.53 22.88
C TYR B 424 18.62 -4.00 23.06
N ASP B 425 19.42 -4.67 23.88
CA ASP B 425 19.24 -6.08 24.22
C ASP B 425 19.07 -6.18 25.73
N ASP B 426 18.03 -6.89 26.16
CA ASP B 426 17.65 -6.88 27.57
C ASP B 426 18.79 -7.37 28.46
N ALA B 427 19.57 -8.34 27.99
CA ALA B 427 20.64 -8.87 28.82
C ALA B 427 21.93 -8.07 28.70
N LEU B 428 22.21 -7.49 27.53
CA LEU B 428 23.50 -6.89 27.26
C LEU B 428 23.48 -5.38 27.14
N GLY B 429 22.32 -4.74 27.16
CA GLY B 429 22.28 -3.29 27.01
C GLY B 429 22.31 -2.85 25.55
N ARG B 430 22.90 -1.67 25.31
CA ARG B 430 23.01 -1.18 23.95
C ARG B 430 23.92 -2.09 23.15
N ILE B 431 23.48 -2.46 21.95
CA ILE B 431 24.27 -3.28 21.04
C ILE B 431 24.19 -2.67 19.66
N LEU B 432 25.14 -3.05 18.81
CA LEU B 432 25.18 -2.61 17.42
C LEU B 432 24.84 -3.81 16.55
N GLU B 433 23.80 -3.65 15.73
CA GLU B 433 23.19 -4.79 15.07
C GLU B 433 23.11 -4.58 13.57
N LEU B 434 23.41 -5.63 12.80
CA LEU B 434 23.26 -5.62 11.35
C LEU B 434 21.97 -6.35 10.96
N SER B 435 21.16 -5.69 10.15
CA SER B 435 19.90 -6.27 9.67
C SER B 435 19.90 -6.26 8.16
N VAL B 436 19.40 -7.34 7.56
CA VAL B 436 19.45 -7.55 6.12
C VAL B 436 18.06 -7.96 5.64
N CYS B 437 17.55 -7.29 4.61
CA CYS B 437 16.22 -7.58 4.09
C CYS B 437 16.37 -7.72 2.58
N GLU B 438 16.14 -8.94 2.08
CA GLU B 438 16.34 -9.27 0.68
C GLU B 438 15.03 -9.84 0.13
N ASN B 439 14.34 -9.03 -0.67
CA ASN B 439 12.98 -9.34 -1.14
C ASN B 439 12.11 -9.86 0.00
N LEU B 440 12.20 -9.16 1.13
CA LEU B 440 11.44 -9.34 2.36
C LEU B 440 11.89 -10.56 3.17
N ALA B 441 12.97 -11.23 2.76
CA ALA B 441 13.59 -12.27 3.58
C ALA B 441 14.57 -11.59 4.53
N PHE B 442 14.34 -11.73 5.83
CA PHE B 442 15.00 -10.93 6.84
C PHE B 442 16.02 -11.77 7.58
N SER B 443 17.21 -11.20 7.79
CA SER B 443 18.27 -11.91 8.51
C SER B 443 19.08 -10.91 9.33
N GLN B 444 19.60 -11.40 10.45
CA GLN B 444 20.54 -10.68 11.31
C GLN B 444 21.71 -11.63 11.54
N PRO B 445 22.76 -11.54 10.72
CA PRO B 445 23.73 -12.64 10.63
C PRO B 445 24.80 -12.65 11.71
N LEU B 446 25.00 -11.55 12.44
CA LEU B 446 26.04 -11.52 13.46
C LEU B 446 25.75 -12.50 14.57
N ILE B 447 26.62 -13.51 14.71
CA ILE B 447 26.59 -14.33 15.92
C ILE B 447 27.27 -13.59 17.06
N LYS B 448 28.37 -12.90 16.75
CA LYS B 448 29.13 -12.10 17.71
C LYS B 448 28.48 -10.73 17.84
N LYS B 449 27.59 -10.59 18.82
CA LYS B 449 26.87 -9.34 19.00
C LYS B 449 27.73 -8.30 19.69
N ILE B 450 27.66 -7.08 19.18
CA ILE B 450 28.61 -6.01 19.51
C ILE B 450 28.02 -5.17 20.64
N ILE B 451 28.62 -5.23 21.83
CA ILE B 451 28.14 -4.50 23.00
C ILE B 451 28.68 -3.07 22.98
N ILE B 452 27.82 -2.09 23.19
CA ILE B 452 28.17 -0.68 23.18
C ILE B 452 28.20 -0.18 24.62
N PRO B 453 29.32 0.34 25.10
CA PRO B 453 29.39 0.80 26.50
C PRO B 453 28.53 2.03 26.74
N ASP B 454 28.05 2.14 27.98
CA ASP B 454 27.16 3.24 28.35
C ASP B 454 27.79 4.61 28.12
N GLU B 455 29.12 4.72 28.25
CA GLU B 455 29.75 6.03 28.27
C GLU B 455 30.09 6.57 26.89
N ILE B 456 29.67 5.89 25.82
CA ILE B 456 29.95 6.32 24.45
C ILE B 456 28.83 7.25 24.02
N PRO B 457 29.09 8.56 23.84
CA PRO B 457 27.99 9.47 23.49
C PRO B 457 27.56 9.35 22.03
N TYR B 458 28.48 9.04 21.11
CA TYR B 458 28.17 8.90 19.71
C TYR B 458 28.76 7.60 19.19
N VAL B 459 27.98 6.88 18.39
CA VAL B 459 28.48 5.72 17.67
C VAL B 459 28.69 6.13 16.23
N TYR B 460 29.93 5.98 15.75
CA TYR B 460 30.32 6.33 14.40
C TYR B 460 30.09 5.13 13.48
N LEU B 461 29.34 5.36 12.40
CA LEU B 461 28.93 4.31 11.46
C LEU B 461 29.38 4.66 10.06
N LYS B 462 29.91 3.67 9.34
CA LYS B 462 30.44 3.91 8.01
C LYS B 462 30.07 2.76 7.07
N VAL B 463 29.85 3.09 5.81
CA VAL B 463 29.75 2.10 4.75
C VAL B 463 30.78 2.43 3.68
N THR B 464 31.52 1.42 3.25
CA THR B 464 32.49 1.56 2.17
C THR B 464 31.99 0.74 0.99
N VAL B 465 31.66 1.43 -0.10
CA VAL B 465 31.09 0.82 -1.29
C VAL B 465 32.19 0.68 -2.34
N GLN B 466 32.35 -0.54 -2.87
CA GLN B 466 33.41 -0.84 -3.85
C GLN B 466 32.78 -1.63 -4.99
N ARG B 467 32.04 -0.93 -5.85
CA ARG B 467 31.34 -1.51 -6.99
C ARG B 467 30.44 -2.68 -6.57
N GLU B 468 30.87 -3.93 -6.77
CA GLU B 468 29.97 -5.05 -6.55
C GLU B 468 29.75 -5.34 -5.07
N THR B 469 30.63 -4.87 -4.19
CA THR B 469 30.57 -5.20 -2.78
C THR B 469 30.61 -3.93 -1.95
N TYR B 470 29.94 -3.98 -0.79
CA TYR B 470 30.04 -2.90 0.20
C TYR B 470 30.08 -3.53 1.58
N THR B 471 30.73 -2.86 2.52
CA THR B 471 30.86 -3.37 3.88
C THR B 471 30.71 -2.25 4.89
N TYR B 472 30.18 -2.58 6.06
CA TYR B 472 30.03 -1.61 7.15
C TYR B 472 31.22 -1.69 8.10
N SER B 473 31.46 -0.57 8.80
CA SER B 473 32.39 -0.56 9.91
C SER B 473 31.92 0.48 10.92
N TYR B 474 32.41 0.35 12.16
CA TYR B 474 31.95 1.19 13.24
C TYR B 474 33.10 1.58 14.15
N SER B 475 32.91 2.70 14.85
CA SER B 475 33.90 3.20 15.81
C SER B 475 33.18 3.84 16.99
N PHE B 476 33.83 3.75 18.15
CA PHE B 476 33.33 4.40 19.36
C PHE B 476 34.03 5.72 19.66
N ASP B 477 35.06 6.07 18.87
CA ASP B 477 35.78 7.33 19.09
C ASP B 477 36.22 7.99 17.79
N GLN B 478 35.79 7.46 16.64
CA GLN B 478 36.14 8.01 15.32
C GLN B 478 37.64 7.89 15.02
N GLN B 479 38.34 7.01 15.74
CA GLN B 479 39.76 6.74 15.50
C GLN B 479 40.01 5.26 15.21
N GLU B 480 39.72 4.38 16.17
CA GLU B 480 39.88 2.94 15.97
C GLU B 480 38.58 2.39 15.42
N TRP B 481 38.61 1.91 14.18
CA TRP B 481 37.43 1.39 13.50
C TRP B 481 37.46 -0.13 13.49
N GLU B 482 36.28 -0.72 13.50
CA GLU B 482 36.14 -2.17 13.41
C GLU B 482 35.25 -2.49 12.22
N LYS B 483 35.77 -3.30 11.30
CA LYS B 483 35.02 -3.74 10.13
C LYS B 483 34.04 -4.83 10.52
N ILE B 484 32.82 -4.73 10.01
CA ILE B 484 31.84 -5.80 10.16
C ILE B 484 32.06 -6.73 8.97
N ASP B 485 32.77 -7.85 9.22
CA ASP B 485 33.17 -8.74 8.14
C ASP B 485 31.99 -9.57 7.64
N VAL B 486 31.00 -8.85 7.13
CA VAL B 486 29.94 -9.42 6.31
C VAL B 486 29.92 -8.65 4.99
N PRO B 487 30.48 -9.23 3.93
CA PRO B 487 30.48 -8.51 2.65
C PRO B 487 29.08 -8.55 2.05
N LEU B 488 28.58 -7.38 1.67
CA LEU B 488 27.22 -7.26 1.18
C LEU B 488 27.24 -6.96 -0.31
N GLU B 489 26.22 -7.44 -1.01
CA GLU B 489 26.21 -7.35 -2.46
C GLU B 489 25.45 -6.10 -2.90
N SER B 490 26.18 -5.20 -3.59
CA SER B 490 25.56 -3.99 -4.10
C SER B 490 24.47 -4.32 -5.12
N THR B 491 24.64 -5.41 -5.88
CA THR B 491 23.66 -5.80 -6.89
C THR B 491 22.33 -6.20 -6.26
N HIS B 492 22.29 -6.43 -4.95
CA HIS B 492 21.02 -6.69 -4.30
C HIS B 492 20.21 -5.43 -4.06
N LEU B 493 20.80 -4.25 -4.24
CA LEU B 493 20.08 -2.99 -4.18
C LEU B 493 19.95 -2.39 -5.57
N SER B 494 19.45 -3.16 -6.52
CA SER B 494 19.44 -2.75 -7.92
C SER B 494 18.08 -2.97 -8.54
N ASP B 495 17.78 -2.17 -9.57
CA ASP B 495 16.56 -2.34 -10.36
C ASP B 495 16.35 -3.77 -10.79
N ASP B 496 17.45 -4.46 -11.11
CA ASP B 496 17.40 -5.75 -11.78
C ASP B 496 17.30 -6.92 -10.82
N PHE B 497 17.38 -6.67 -9.51
CA PHE B 497 17.30 -7.71 -8.50
C PHE B 497 15.95 -7.81 -7.82
N ILE B 498 15.30 -6.67 -7.55
CA ILE B 498 14.17 -6.66 -6.62
C ILE B 498 12.92 -7.21 -7.32
N ARG B 499 12.05 -7.87 -6.54
CA ARG B 499 10.82 -8.42 -7.07
C ARG B 499 9.72 -7.37 -7.15
N GLY B 500 8.72 -7.66 -7.97
CA GLY B 500 7.49 -6.90 -8.03
C GLY B 500 7.39 -6.08 -9.30
N GLY B 501 6.24 -5.40 -9.42
CA GLY B 501 5.92 -4.69 -10.65
C GLY B 501 6.63 -3.37 -10.83
N GLY B 502 7.18 -2.82 -9.75
CA GLY B 502 7.84 -1.53 -9.82
C GLY B 502 9.29 -1.64 -9.46
N PHE B 503 10.20 -1.28 -10.38
CA PHE B 503 11.63 -1.51 -10.19
C PHE B 503 12.40 -0.31 -10.74
N PHE B 504 12.04 0.89 -10.26
CA PHE B 504 12.28 2.10 -11.03
C PHE B 504 13.13 3.15 -10.31
N THR B 505 13.77 2.83 -9.17
CA THR B 505 14.50 3.85 -8.42
C THR B 505 15.98 3.56 -8.47
N GLY B 506 16.60 3.09 -7.40
CA GLY B 506 18.05 3.01 -7.29
C GLY B 506 18.44 2.99 -5.83
N ALA B 507 19.70 2.70 -5.58
CA ALA B 507 20.16 2.60 -4.19
C ALA B 507 20.31 3.98 -3.57
N PHE B 508 19.94 4.07 -2.28
CA PHE B 508 20.13 5.26 -1.45
C PHE B 508 20.92 4.87 -0.22
N VAL B 509 21.60 5.85 0.39
CA VAL B 509 22.22 5.68 1.70
C VAL B 509 21.69 6.78 2.63
N GLY B 510 21.44 6.45 3.89
CA GLY B 510 20.85 7.48 4.74
C GLY B 510 20.93 7.20 6.22
N MET B 511 20.30 8.09 6.97
CA MET B 511 20.17 8.00 8.43
C MET B 511 18.72 7.68 8.80
N GLN B 512 18.54 6.84 9.82
CA GLN B 512 17.21 6.31 10.09
C GLN B 512 17.05 6.05 11.58
N CYS B 513 15.82 6.21 12.05
CA CYS B 513 15.46 5.82 13.40
C CYS B 513 14.09 5.16 13.34
N GLN B 514 13.95 4.01 13.99
CA GLN B 514 12.63 3.41 14.18
C GLN B 514 12.37 3.22 15.66
N ASP B 515 11.10 3.37 16.03
CA ASP B 515 10.61 3.04 17.36
C ASP B 515 9.25 2.38 17.18
N THR B 516 9.23 1.05 17.13
CA THR B 516 7.96 0.34 17.02
C THR B 516 7.36 0.01 18.38
N SER B 517 7.82 0.67 19.45
CA SER B 517 7.17 0.51 20.75
C SER B 517 6.08 1.56 20.96
N GLY B 518 6.23 2.73 20.38
CA GLY B 518 5.30 3.83 20.56
C GLY B 518 5.92 5.06 21.19
N GLU B 519 7.13 4.95 21.74
CA GLU B 519 7.72 6.06 22.49
C GLU B 519 8.27 7.18 21.60
N ARG B 520 8.45 6.96 20.28
CA ARG B 520 8.97 8.00 19.39
C ARG B 520 10.36 8.46 19.83
N LEU B 521 11.16 7.52 20.30
CA LEU B 521 12.46 7.86 20.90
C LEU B 521 13.35 8.53 19.85
N PRO B 522 13.94 9.69 20.16
CA PRO B 522 14.76 10.37 19.16
C PRO B 522 16.19 9.87 19.09
N ALA B 523 16.74 9.92 17.88
CA ALA B 523 18.14 9.69 17.61
C ALA B 523 18.73 10.95 16.98
N ASP B 524 19.86 11.40 17.47
CA ASP B 524 20.49 12.63 16.98
C ASP B 524 21.74 12.28 16.18
N PHE B 525 21.78 12.71 14.93
CA PHE B 525 22.88 12.46 14.00
C PHE B 525 23.70 13.74 13.87
N LYS B 526 24.99 13.67 14.27
CA LYS B 526 25.81 14.89 14.31
C LYS B 526 26.22 15.35 12.91
N TYR B 527 26.43 14.41 11.99
CA TYR B 527 26.85 14.78 10.65
C TYR B 527 26.51 13.64 9.71
N PHE B 528 26.57 13.95 8.41
CA PHE B 528 26.48 12.92 7.38
C PHE B 528 27.52 13.21 6.31
N ARG B 529 28.47 12.29 6.14
CA ARG B 529 29.50 12.40 5.12
C ARG B 529 29.16 11.50 3.96
N TYR B 530 29.19 12.05 2.74
CA TYR B 530 29.12 11.29 1.50
C TYR B 530 30.31 11.72 0.64
N GLU B 531 31.25 10.80 0.43
CA GLU B 531 32.52 11.10 -0.24
C GLU B 531 32.81 10.03 -1.28
N GLU B 532 32.69 10.39 -2.55
CA GLU B 532 33.00 9.47 -3.64
C GLU B 532 34.49 9.32 -3.81
N THR B 533 34.94 8.08 -4.00
CA THR B 533 36.37 7.74 -3.88
C THR B 533 36.99 7.31 -5.20
C1 GOL C . -5.98 -10.39 15.04
O1 GOL C . -6.30 -9.14 15.61
C2 GOL C . -6.40 -10.42 13.56
O2 GOL C . -7.72 -10.94 13.48
C3 GOL C . -5.50 -11.46 12.92
O3 GOL C . -5.58 -12.64 13.70
C1 GOL D . -5.72 6.01 12.50
O1 GOL D . -5.65 5.65 11.13
C2 GOL D . -5.04 7.33 12.86
O2 GOL D . -5.00 8.26 11.81
C3 GOL D . -5.68 7.96 14.09
O3 GOL D . -5.60 9.37 14.07
C1 GOL E . -6.92 -26.16 2.55
O1 GOL E . -8.18 -26.77 2.74
C2 GOL E . -6.93 -24.69 2.98
O2 GOL E . -7.32 -24.60 4.33
C3 GOL E . -5.51 -24.14 2.85
O3 GOL E . -5.42 -22.79 3.29
C1 GOL F . 8.80 3.19 -15.82
O1 GOL F . 9.33 3.00 -17.13
C2 GOL F . 8.66 4.68 -15.59
O2 GOL F . 9.98 5.15 -15.34
C3 GOL F . 8.09 5.30 -16.87
O3 GOL F . 7.30 6.46 -16.59
C1 GOL G . 20.30 -10.42 -14.99
O1 GOL G . 21.66 -10.01 -14.93
C2 GOL G . 19.40 -9.35 -14.38
O2 GOL G . 19.26 -8.29 -15.31
C3 GOL G . 18.03 -9.97 -14.07
O3 GOL G . 17.04 -8.99 -13.83
C1 GOL H . -1.49 13.65 -5.94
O1 GOL H . -0.86 12.85 -4.97
C2 GOL H . -2.21 14.78 -5.20
O2 GOL H . -3.19 14.23 -4.37
C3 GOL H . -2.86 15.74 -6.19
O3 GOL H . -3.64 16.65 -5.46
#